data_6TPP
#
_entry.id   6TPP
#
_cell.length_a   51.697
_cell.length_b   58.735
_cell.length_c   79.320
_cell.angle_alpha   87.320
_cell.angle_beta   78.190
_cell.angle_gamma   73.490
#
_symmetry.space_group_name_H-M   'P 1'
#
loop_
_entity.id
_entity.type
_entity.pdbx_description
1 polymer 'Reducing-end xylose-releasing exo-oligoxylanase Rex8A'
2 non-polymer 1,2-ETHANEDIOL
3 water water
#
_entity_poly.entity_id   1
_entity_poly.type   'polypeptide(L)'
_entity_poly.pdbx_seq_one_letter_code
;MNITGKGAYDTGTYANLFQRSGYREDEIKARLEQTWNDLFYGDEHTRIYYPVGDDKGYMLDTGNDDVRSAGMSYGMMMAV
QMDKKHEFDRLWNYAYTYMQHTEGRYKDYFAWHCKPDGTRLSPGPAPDGEEFFAMALFFASNRWGDGPAPYDYQAQARKI
LHACLHQGEQGEGDPMWEPSNRLIKFIPELPFSDPSYHLPHFYELFAQYANEQDRTFWKEAAEASRAYLRTACHPVTGLS
PEYANYDGTPAPVQLHGDFRHFYSDAYRVAANVALDWEWFRKDPWQVQQSNRIQAFFSDIDVSDYRRYTIEGEPFNEPAL
HPVGLLATNAMASLAADGPDADSFVKRFWNTPLRQGKRRYYDNCLYFFTMLALSGNYRVYQQ
;
_entity_poly.pdbx_strand_id   A,B
#
loop_
_chem_comp.id
_chem_comp.type
_chem_comp.name
_chem_comp.formula
EDO non-polymer 1,2-ETHANEDIOL 'C2 H6 O2'
#
# COMPACT_ATOMS: atom_id res chain seq x y z
N LYS A 6 -25.37 -24.06 -24.79
CA LYS A 6 -24.20 -24.62 -24.03
C LYS A 6 -22.93 -23.86 -24.41
N GLY A 7 -22.02 -23.73 -23.45
CA GLY A 7 -20.70 -23.13 -23.67
C GLY A 7 -19.79 -24.04 -24.48
N ALA A 8 -18.71 -23.45 -24.99
CA ALA A 8 -17.66 -24.10 -25.82
C ALA A 8 -16.94 -25.21 -25.04
N TYR A 9 -16.96 -25.18 -23.70
CA TYR A 9 -16.39 -26.25 -22.84
C TYR A 9 -17.16 -27.57 -23.04
N ASP A 10 -18.48 -27.47 -23.24
CA ASP A 10 -19.39 -28.64 -23.40
C ASP A 10 -19.55 -29.01 -24.87
N THR A 11 -19.65 -28.03 -25.78
CA THR A 11 -19.95 -28.27 -27.22
C THR A 11 -18.66 -28.57 -27.99
N GLY A 12 -17.52 -28.08 -27.54
CA GLY A 12 -16.24 -28.19 -28.27
C GLY A 12 -16.14 -27.23 -29.44
N THR A 13 -17.12 -26.35 -29.64
CA THR A 13 -17.18 -25.43 -30.81
C THR A 13 -16.97 -23.99 -30.33
N TYR A 14 -16.02 -23.30 -30.95
CA TYR A 14 -15.58 -21.94 -30.56
C TYR A 14 -16.08 -20.94 -31.61
N ALA A 15 -16.73 -19.86 -31.17
CA ALA A 15 -17.21 -18.78 -32.05
C ALA A 15 -16.02 -18.05 -32.67
N ASN A 16 -15.99 -18.07 -34.01
CA ASN A 16 -15.00 -17.33 -34.85
C ASN A 16 -15.73 -16.09 -35.34
N LEU A 17 -15.67 -15.01 -34.57
CA LEU A 17 -16.47 -13.80 -34.86
C LEU A 17 -15.87 -13.05 -36.05
N PHE A 18 -14.60 -13.27 -36.38
CA PHE A 18 -14.00 -12.69 -37.59
C PHE A 18 -14.70 -13.29 -38.81
N GLN A 19 -14.96 -14.59 -38.76
CA GLN A 19 -15.56 -15.34 -39.89
C GLN A 19 -17.05 -14.99 -39.97
N ARG A 20 -17.73 -14.83 -38.83
CA ARG A 20 -19.15 -14.43 -38.75
C ARG A 20 -19.33 -13.03 -39.36
N SER A 21 -18.34 -12.16 -39.20
CA SER A 21 -18.34 -10.76 -39.72
C SER A 21 -17.99 -10.77 -41.22
N GLY A 22 -17.60 -11.91 -41.78
CA GLY A 22 -17.42 -12.08 -43.23
C GLY A 22 -15.98 -12.32 -43.67
N TYR A 23 -14.99 -12.22 -42.77
CA TYR A 23 -13.56 -12.39 -43.11
C TYR A 23 -13.27 -13.87 -43.44
N ARG A 24 -12.32 -14.10 -44.35
CA ARG A 24 -11.99 -15.47 -44.87
C ARG A 24 -11.12 -16.23 -43.85
N GLU A 25 -11.30 -17.54 -43.74
CA GLU A 25 -10.59 -18.40 -42.75
C GLU A 25 -9.08 -18.27 -42.93
N ASP A 26 -8.62 -18.01 -44.15
CA ASP A 26 -7.17 -17.93 -44.45
C ASP A 26 -6.65 -16.57 -44.02
N GLU A 27 -7.36 -15.48 -44.32
CA GLU A 27 -7.05 -14.11 -43.84
C GLU A 27 -6.80 -14.16 -42.33
N ILE A 28 -7.66 -14.88 -41.60
CA ILE A 28 -7.74 -14.94 -40.11
C ILE A 28 -6.53 -15.70 -39.55
N LYS A 29 -6.24 -16.90 -40.05
CA LYS A 29 -5.13 -17.75 -39.56
C LYS A 29 -3.79 -17.06 -39.79
N ALA A 30 -3.66 -16.29 -40.88
CA ALA A 30 -2.41 -15.56 -41.25
C ALA A 30 -2.25 -14.35 -40.33
N ARG A 31 -3.32 -13.56 -40.19
CA ARG A 31 -3.37 -12.38 -39.29
C ARG A 31 -2.93 -12.80 -37.87
N LEU A 32 -3.43 -13.94 -37.39
CA LEU A 32 -3.15 -14.48 -36.04
C LEU A 32 -1.70 -14.99 -36.00
N GLU A 33 -1.21 -15.62 -37.06
CA GLU A 33 0.21 -16.11 -37.11
C GLU A 33 1.13 -14.90 -37.21
N GLN A 34 0.70 -13.83 -37.90
CA GLN A 34 1.51 -12.59 -38.06
C GLN A 34 1.46 -11.76 -36.77
N THR A 35 0.39 -11.87 -35.97
CA THR A 35 0.30 -11.15 -34.67
C THR A 35 1.27 -11.79 -33.67
N TRP A 36 1.41 -13.12 -33.71
CA TRP A 36 2.38 -13.88 -32.88
C TRP A 36 3.80 -13.50 -33.28
N ASN A 37 4.11 -13.59 -34.58
CA ASN A 37 5.45 -13.31 -35.16
C ASN A 37 5.92 -11.88 -34.85
N ASP A 38 5.02 -10.90 -34.75
CA ASP A 38 5.45 -9.49 -34.50
C ASP A 38 5.77 -9.35 -33.02
N LEU A 39 5.03 -10.05 -32.16
CA LEU A 39 5.20 -9.95 -30.69
C LEU A 39 6.40 -10.75 -30.21
N PHE A 40 6.65 -11.92 -30.76
CA PHE A 40 7.69 -12.79 -30.18
C PHE A 40 9.01 -12.57 -30.90
N TYR A 41 8.97 -12.32 -32.21
CA TYR A 41 10.17 -12.21 -33.07
C TYR A 41 10.09 -10.96 -33.93
N GLY A 42 9.42 -9.92 -33.45
CA GLY A 42 9.27 -8.68 -34.24
C GLY A 42 10.45 -7.75 -34.07
N ASP A 43 10.31 -6.52 -34.56
CA ASP A 43 11.42 -5.53 -34.51
C ASP A 43 11.43 -4.83 -33.14
N GLU A 44 12.47 -4.05 -32.89
CA GLU A 44 12.72 -3.28 -31.65
C GLU A 44 11.50 -2.47 -31.16
N HIS A 45 10.64 -1.96 -32.04
CA HIS A 45 9.52 -1.07 -31.65
C HIS A 45 8.22 -1.85 -31.44
N THR A 46 8.22 -3.16 -31.68
CA THR A 46 6.98 -3.97 -31.68
C THR A 46 7.04 -5.13 -30.68
N ARG A 47 8.13 -5.92 -30.69
CA ARG A 47 8.26 -7.16 -29.88
C ARG A 47 8.22 -6.79 -28.40
N ILE A 48 7.76 -7.75 -27.59
CA ILE A 48 7.67 -7.68 -26.09
C ILE A 48 8.28 -8.94 -25.49
N TYR A 49 8.62 -9.94 -26.32
CA TYR A 49 9.27 -11.19 -25.90
C TYR A 49 10.75 -11.14 -26.27
N TYR A 50 11.60 -11.50 -25.31
CA TYR A 50 13.08 -11.44 -25.41
C TYR A 50 13.67 -12.75 -24.88
N PRO A 51 14.33 -13.54 -25.76
CA PRO A 51 14.94 -14.79 -25.32
C PRO A 51 16.27 -14.52 -24.59
N VAL A 52 16.61 -15.40 -23.65
CA VAL A 52 17.82 -15.32 -22.77
C VAL A 52 18.48 -16.70 -22.67
N GLY A 53 19.77 -16.80 -23.00
CA GLY A 53 20.53 -18.06 -22.97
C GLY A 53 19.84 -19.16 -23.75
N ASP A 54 20.05 -20.42 -23.34
CA ASP A 54 19.50 -21.62 -24.04
C ASP A 54 18.08 -21.94 -23.57
N ASP A 55 17.67 -21.51 -22.38
CA ASP A 55 16.45 -22.09 -21.76
C ASP A 55 15.64 -21.06 -20.97
N LYS A 56 15.70 -19.77 -21.32
CA LYS A 56 14.95 -18.74 -20.57
C LYS A 56 14.51 -17.60 -21.50
N GLY A 57 13.41 -16.94 -21.14
CA GLY A 57 12.93 -15.72 -21.81
C GLY A 57 11.99 -14.94 -20.92
N TYR A 58 11.79 -13.66 -21.22
CA TYR A 58 10.86 -12.80 -20.45
C TYR A 58 9.97 -11.98 -21.39
N MET A 59 8.79 -11.64 -20.86
CA MET A 59 7.88 -10.62 -21.40
C MET A 59 8.25 -9.31 -20.71
N LEU A 60 8.67 -8.31 -21.49
CA LEU A 60 9.12 -6.99 -20.97
C LEU A 60 7.91 -6.05 -20.86
N ASP A 61 7.58 -5.54 -19.66
CA ASP A 61 6.74 -4.32 -19.52
C ASP A 61 7.58 -3.13 -19.97
N THR A 62 7.34 -2.66 -21.18
CA THR A 62 8.19 -1.69 -21.90
C THR A 62 8.06 -0.32 -21.23
N GLY A 63 6.86 0.02 -20.76
CA GLY A 63 6.58 1.32 -20.12
C GLY A 63 7.34 1.50 -18.82
N ASN A 64 7.42 0.42 -18.02
CA ASN A 64 7.97 0.43 -16.64
C ASN A 64 9.37 -0.20 -16.61
N ASP A 65 9.82 -0.76 -17.74
CA ASP A 65 11.22 -1.24 -17.95
C ASP A 65 11.53 -2.39 -16.99
N ASP A 66 10.55 -3.24 -16.70
CA ASP A 66 10.75 -4.40 -15.79
C ASP A 66 9.98 -5.59 -16.35
N VAL A 67 10.06 -6.72 -15.63
CA VAL A 67 9.39 -8.00 -15.95
C VAL A 67 8.40 -8.24 -14.83
N ARG A 68 7.13 -8.48 -15.17
CA ARG A 68 6.05 -8.58 -14.17
C ARG A 68 5.41 -9.96 -14.23
N SER A 69 5.06 -10.51 -13.09
CA SER A 69 4.48 -11.86 -12.99
C SER A 69 3.26 -11.97 -13.92
N ALA A 70 2.44 -10.92 -14.04
CA ALA A 70 1.27 -10.89 -14.93
C ALA A 70 1.70 -11.09 -16.38
N GLY A 71 2.71 -10.33 -16.84
CA GLY A 71 3.27 -10.45 -18.20
C GLY A 71 3.84 -11.84 -18.49
N MET A 72 4.64 -12.37 -17.58
CA MET A 72 5.23 -13.71 -17.75
C MET A 72 4.09 -14.71 -17.96
N SER A 73 3.14 -14.73 -17.04
CA SER A 73 1.96 -15.63 -17.08
C SER A 73 1.09 -15.34 -18.30
N TYR A 74 1.02 -14.09 -18.74
CA TYR A 74 0.32 -13.73 -20.01
C TYR A 74 1.00 -14.41 -21.19
N GLY A 75 2.31 -14.22 -21.33
CA GLY A 75 3.13 -14.83 -22.38
C GLY A 75 2.94 -16.34 -22.44
N MET A 76 2.92 -16.98 -21.28
CA MET A 76 2.78 -18.47 -21.13
C MET A 76 1.40 -18.92 -21.59
N MET A 77 0.35 -18.11 -21.40
CA MET A 77 -1.02 -18.45 -21.89
C MET A 77 -1.04 -18.31 -23.43
N MET A 78 -0.49 -17.23 -23.97
CA MET A 78 -0.45 -16.97 -25.43
C MET A 78 0.24 -18.15 -26.12
N ALA A 79 1.32 -18.64 -25.50
CA ALA A 79 2.21 -19.67 -26.06
C ALA A 79 1.47 -21.01 -26.07
N VAL A 80 0.74 -21.34 -25.00
CA VAL A 80 0.07 -22.68 -24.90
C VAL A 80 -1.16 -22.67 -25.82
N GLN A 81 -1.81 -21.52 -25.97
CA GLN A 81 -2.94 -21.31 -26.92
C GLN A 81 -2.46 -21.47 -28.38
N MET A 82 -1.23 -21.04 -28.67
CA MET A 82 -0.65 -21.03 -30.04
C MET A 82 0.16 -22.31 -30.29
N ASP A 83 0.27 -23.20 -29.30
CA ASP A 83 0.98 -24.50 -29.42
C ASP A 83 2.47 -24.20 -29.65
N LYS A 84 3.06 -23.35 -28.81
CA LYS A 84 4.48 -22.90 -28.90
C LYS A 84 5.23 -23.25 -27.60
N LYS A 85 5.52 -24.54 -27.42
CA LYS A 85 6.15 -25.14 -26.22
C LYS A 85 7.53 -24.53 -25.91
N HIS A 86 8.31 -24.16 -26.92
CA HIS A 86 9.69 -23.65 -26.72
C HIS A 86 9.65 -22.32 -25.97
N GLU A 87 8.80 -21.41 -26.43
CA GLU A 87 8.64 -20.05 -25.85
C GLU A 87 8.00 -20.21 -24.47
N PHE A 88 6.98 -21.07 -24.36
CA PHE A 88 6.31 -21.42 -23.08
C PHE A 88 7.37 -21.83 -22.06
N ASP A 89 8.17 -22.85 -22.39
CA ASP A 89 9.21 -23.42 -21.50
C ASP A 89 10.29 -22.40 -21.17
N ARG A 90 10.65 -21.52 -22.10
CA ARG A 90 11.63 -20.44 -21.84
C ARG A 90 11.06 -19.47 -20.80
N LEU A 91 9.81 -19.06 -20.97
CA LEU A 91 9.09 -18.16 -20.03
C LEU A 91 8.93 -18.83 -18.66
N TRP A 92 8.48 -20.09 -18.64
CA TRP A 92 8.23 -20.83 -17.37
C TRP A 92 9.55 -21.04 -16.62
N ASN A 93 10.66 -21.29 -17.33
CA ASN A 93 11.98 -21.47 -16.66
C ASN A 93 12.37 -20.17 -15.96
N TYR A 94 12.15 -19.03 -16.62
CA TYR A 94 12.53 -17.69 -16.10
C TYR A 94 11.74 -17.38 -14.83
N ALA A 95 10.43 -17.63 -14.87
CA ALA A 95 9.51 -17.37 -13.75
C ALA A 95 9.88 -18.28 -12.56
N TYR A 96 9.91 -19.58 -12.79
CA TYR A 96 10.41 -20.61 -11.83
C TYR A 96 11.76 -20.21 -11.19
N THR A 97 12.74 -19.85 -12.02
CA THR A 97 14.16 -19.65 -11.62
C THR A 97 14.30 -18.36 -10.80
N TYR A 98 13.73 -17.25 -11.27
CA TYR A 98 14.03 -15.90 -10.72
C TYR A 98 12.92 -15.39 -9.81
N MET A 99 11.66 -15.76 -10.08
CA MET A 99 10.51 -15.08 -9.44
C MET A 99 9.92 -15.94 -8.30
N GLN A 100 9.82 -17.27 -8.45
CA GLN A 100 9.14 -18.09 -7.41
C GLN A 100 9.96 -18.07 -6.12
N HIS A 101 9.30 -17.89 -4.98
CA HIS A 101 9.90 -17.96 -3.63
C HIS A 101 9.98 -19.43 -3.18
N THR A 102 11.11 -19.83 -2.60
CA THR A 102 11.36 -21.21 -2.12
C THR A 102 11.16 -21.28 -0.60
N GLU A 103 11.10 -20.15 0.11
CA GLU A 103 10.82 -20.12 1.57
C GLU A 103 10.18 -18.77 1.95
N GLY A 104 9.67 -18.69 3.18
CA GLY A 104 9.15 -17.45 3.79
C GLY A 104 7.64 -17.36 3.68
N ARG A 105 7.10 -16.16 3.92
CA ARG A 105 5.64 -15.91 3.96
C ARG A 105 5.06 -15.99 2.54
N TYR A 106 5.89 -15.94 1.49
CA TYR A 106 5.45 -15.98 0.07
C TYR A 106 5.92 -17.26 -0.64
N LYS A 107 6.18 -18.33 0.12
CA LYS A 107 6.66 -19.62 -0.44
C LYS A 107 5.69 -20.10 -1.51
N ASP A 108 6.21 -20.29 -2.74
CA ASP A 108 5.51 -20.86 -3.92
C ASP A 108 4.73 -19.78 -4.66
N TYR A 109 4.62 -18.57 -4.10
CA TYR A 109 4.21 -17.36 -4.85
C TYR A 109 5.41 -16.86 -5.66
N PHE A 110 5.18 -15.90 -6.55
CA PHE A 110 6.20 -15.29 -7.43
C PHE A 110 6.28 -13.81 -7.08
N ALA A 111 7.49 -13.26 -7.00
CA ALA A 111 7.70 -11.80 -6.89
C ALA A 111 7.07 -11.13 -8.11
N TRP A 112 6.22 -10.13 -7.89
CA TRP A 112 5.38 -9.55 -8.96
C TRP A 112 6.23 -8.84 -10.01
N HIS A 113 7.43 -8.34 -9.69
CA HIS A 113 8.31 -7.76 -10.73
C HIS A 113 9.78 -7.94 -10.38
N CYS A 114 10.62 -7.93 -11.42
CA CYS A 114 12.08 -8.06 -11.31
C CYS A 114 12.74 -7.32 -12.47
N LYS A 115 14.04 -7.09 -12.37
CA LYS A 115 14.84 -6.55 -13.49
C LYS A 115 14.92 -7.63 -14.56
N PRO A 116 15.05 -7.29 -15.86
CA PRO A 116 15.20 -8.29 -16.91
C PRO A 116 16.31 -9.33 -16.68
N ASP A 117 17.36 -9.01 -15.91
CA ASP A 117 18.44 -9.98 -15.56
C ASP A 117 17.98 -10.95 -14.46
N GLY A 118 16.80 -10.74 -13.88
CA GLY A 118 16.17 -11.67 -12.91
C GLY A 118 16.28 -11.20 -11.47
N THR A 119 16.83 -10.01 -11.24
CA THR A 119 16.98 -9.41 -9.89
C THR A 119 15.62 -8.93 -9.37
N ARG A 120 15.14 -9.51 -8.27
CA ARG A 120 13.84 -9.13 -7.67
C ARG A 120 13.91 -7.66 -7.23
N LEU A 121 12.85 -6.91 -7.54
CA LEU A 121 12.71 -5.47 -7.18
C LEU A 121 11.75 -5.32 -5.99
N SER A 122 10.89 -6.32 -5.77
CA SER A 122 9.91 -6.34 -4.66
C SER A 122 9.38 -7.75 -4.50
N PRO A 123 9.27 -8.28 -3.26
CA PRO A 123 8.69 -9.61 -3.04
C PRO A 123 7.16 -9.67 -3.10
N GLY A 124 6.49 -8.51 -3.05
CA GLY A 124 5.02 -8.38 -3.15
C GLY A 124 4.51 -9.16 -4.36
N PRO A 125 3.75 -10.25 -4.16
CA PRO A 125 3.12 -10.97 -5.26
C PRO A 125 1.82 -10.31 -5.75
N ALA A 126 1.33 -10.74 -6.91
CA ALA A 126 0.10 -10.24 -7.56
C ALA A 126 -0.79 -11.43 -7.93
N PRO A 127 -1.94 -11.66 -7.25
CA PRO A 127 -2.80 -12.81 -7.57
C PRO A 127 -3.12 -13.03 -9.07
N ASP A 128 -3.31 -11.94 -9.80
CA ASP A 128 -3.25 -11.79 -11.28
C ASP A 128 -2.36 -12.88 -11.90
N GLY A 129 -1.07 -12.79 -11.58
CA GLY A 129 0.01 -13.65 -12.11
C GLY A 129 -0.24 -15.10 -11.76
N GLU A 130 -0.36 -15.43 -10.48
CA GLU A 130 -0.47 -16.82 -9.96
C GLU A 130 -1.63 -17.59 -10.64
N GLU A 131 -2.80 -16.98 -10.79
CA GLU A 131 -3.98 -17.70 -11.32
C GLU A 131 -3.73 -17.99 -12.81
N PHE A 132 -3.06 -17.09 -13.53
CA PHE A 132 -2.69 -17.30 -14.95
C PHE A 132 -1.55 -18.32 -15.09
N PHE A 133 -0.53 -18.29 -14.24
CA PHE A 133 0.53 -19.33 -14.27
C PHE A 133 -0.17 -20.69 -14.15
N ALA A 134 -1.07 -20.83 -13.18
CA ALA A 134 -1.74 -22.10 -12.84
C ALA A 134 -2.60 -22.59 -14.02
N MET A 135 -3.34 -21.70 -14.70
CA MET A 135 -4.24 -22.09 -15.81
C MET A 135 -3.39 -22.49 -17.03
N ALA A 136 -2.36 -21.71 -17.36
CA ALA A 136 -1.42 -22.03 -18.47
C ALA A 136 -0.71 -23.36 -18.20
N LEU A 137 -0.28 -23.62 -16.97
CA LEU A 137 0.46 -24.87 -16.61
C LEU A 137 -0.49 -26.07 -16.68
N PHE A 138 -1.77 -25.91 -16.31
CA PHE A 138 -2.78 -26.98 -16.48
C PHE A 138 -3.00 -27.27 -17.96
N PHE A 139 -3.00 -26.24 -18.79
CA PHE A 139 -3.22 -26.34 -20.27
C PHE A 139 -2.00 -27.01 -20.92
N ALA A 140 -0.78 -26.60 -20.55
CA ALA A 140 0.49 -27.19 -21.04
C ALA A 140 0.50 -28.69 -20.76
N SER A 141 0.10 -29.09 -19.56
CA SER A 141 0.03 -30.51 -19.12
C SER A 141 -0.92 -31.28 -20.05
N ASN A 142 -2.07 -30.71 -20.36
CA ASN A 142 -3.13 -31.38 -21.16
C ASN A 142 -2.70 -31.46 -22.63
N ARG A 143 -2.07 -30.43 -23.16
CA ARG A 143 -1.65 -30.38 -24.58
C ARG A 143 -0.38 -31.21 -24.82
N TRP A 144 0.59 -31.13 -23.92
CA TRP A 144 1.98 -31.61 -24.15
C TRP A 144 2.36 -32.75 -23.21
N GLY A 145 1.91 -32.70 -21.96
CA GLY A 145 2.22 -33.73 -20.96
C GLY A 145 3.45 -33.39 -20.14
N ASP A 146 3.50 -33.97 -18.93
CA ASP A 146 4.49 -33.62 -17.89
C ASP A 146 5.85 -34.22 -18.26
N GLY A 147 6.89 -33.42 -18.12
CA GLY A 147 8.30 -33.85 -18.15
C GLY A 147 8.89 -33.74 -16.76
N PRO A 148 10.24 -33.79 -16.61
CA PRO A 148 10.86 -33.65 -15.29
C PRO A 148 10.68 -32.22 -14.78
N ALA A 149 10.74 -32.03 -13.46
CA ALA A 149 10.73 -30.68 -12.85
C ALA A 149 11.83 -29.85 -13.50
N PRO A 150 11.61 -28.54 -13.79
CA PRO A 150 10.37 -27.85 -13.47
C PRO A 150 9.20 -28.01 -14.47
N TYR A 151 9.33 -28.87 -15.47
CA TYR A 151 8.33 -28.99 -16.56
C TYR A 151 7.33 -30.10 -16.22
N ASP A 152 7.18 -30.45 -14.93
CA ASP A 152 6.05 -31.30 -14.48
C ASP A 152 4.86 -30.36 -14.28
N TYR A 153 4.28 -29.91 -15.38
CA TYR A 153 3.30 -28.79 -15.48
C TYR A 153 2.19 -28.89 -14.44
N GLN A 154 1.60 -30.08 -14.30
CA GLN A 154 0.40 -30.31 -13.47
C GLN A 154 0.72 -30.08 -11.99
N ALA A 155 1.81 -30.69 -11.51
CA ALA A 155 2.28 -30.58 -10.10
C ALA A 155 2.67 -29.13 -9.79
N GLN A 156 3.27 -28.43 -10.76
CA GLN A 156 3.64 -26.99 -10.64
C GLN A 156 2.38 -26.16 -10.47
N ALA A 157 1.35 -26.42 -11.28
CA ALA A 157 0.05 -25.71 -11.22
C ALA A 157 -0.60 -25.95 -9.85
N ARG A 158 -0.59 -27.20 -9.38
CA ARG A 158 -1.29 -27.61 -8.13
C ARG A 158 -0.63 -27.00 -6.89
N LYS A 159 0.69 -26.93 -6.94
CA LYS A 159 1.56 -26.36 -5.88
C LYS A 159 1.35 -24.85 -5.75
N ILE A 160 1.12 -24.14 -6.87
CA ILE A 160 0.77 -22.69 -6.86
C ILE A 160 -0.62 -22.52 -6.25
N LEU A 161 -1.62 -23.32 -6.66
CA LEU A 161 -3.02 -23.15 -6.20
C LEU A 161 -3.17 -23.64 -4.76
N HIS A 162 -2.31 -24.54 -4.29
CA HIS A 162 -2.22 -24.96 -2.87
C HIS A 162 -1.87 -23.72 -2.04
N ALA A 163 -0.78 -23.04 -2.43
CA ALA A 163 -0.28 -21.83 -1.76
C ALA A 163 -1.37 -20.75 -1.78
N CYS A 164 -2.09 -20.62 -2.89
CA CYS A 164 -3.12 -19.56 -3.05
C CYS A 164 -4.23 -19.70 -2.00
N LEU A 165 -4.50 -20.90 -1.52
CA LEU A 165 -5.58 -21.18 -0.55
C LEU A 165 -5.01 -21.47 0.86
N HIS A 166 -3.80 -21.98 0.99
CA HIS A 166 -3.32 -22.51 2.31
C HIS A 166 -2.06 -21.83 2.81
N GLN A 167 -1.62 -20.73 2.19
CA GLN A 167 -0.41 -20.00 2.66
C GLN A 167 -0.48 -19.70 4.18
N GLY A 168 -1.66 -19.37 4.73
CA GLY A 168 -1.81 -18.94 6.15
C GLY A 168 -1.41 -20.02 7.15
N GLU A 169 -1.61 -21.28 6.77
CA GLU A 169 -1.45 -22.48 7.62
C GLU A 169 0.02 -22.91 7.58
N GLN A 170 0.74 -22.54 6.52
CA GLN A 170 2.13 -23.00 6.25
C GLN A 170 3.13 -22.18 7.06
N GLY A 171 2.70 -21.07 7.69
CA GLY A 171 3.58 -20.22 8.51
C GLY A 171 2.94 -18.88 8.83
N GLU A 172 3.65 -17.78 8.53
CA GLU A 172 3.26 -16.38 8.89
C GLU A 172 2.60 -15.69 7.70
N GLY A 173 2.41 -16.37 6.56
CA GLY A 173 1.85 -15.79 5.33
C GLY A 173 0.33 -15.76 5.33
N ASP A 174 -0.26 -15.34 4.19
CA ASP A 174 -1.73 -15.23 3.98
C ASP A 174 -2.10 -15.75 2.60
N PRO A 175 -3.31 -16.34 2.42
CA PRO A 175 -3.76 -16.79 1.10
C PRO A 175 -4.16 -15.60 0.21
N MET A 176 -4.38 -15.86 -1.07
CA MET A 176 -4.78 -14.84 -2.08
C MET A 176 -6.28 -14.85 -2.30
N TRP A 177 -6.98 -15.77 -1.65
CA TRP A 177 -8.46 -15.79 -1.59
C TRP A 177 -8.90 -15.58 -0.13
N GLU A 178 -9.88 -14.70 0.09
CA GLU A 178 -10.52 -14.53 1.42
C GLU A 178 -11.39 -15.76 1.61
N PRO A 179 -11.12 -16.63 2.62
CA PRO A 179 -11.89 -17.87 2.79
C PRO A 179 -13.37 -17.67 3.08
N SER A 180 -13.75 -16.58 3.75
CA SER A 180 -15.15 -16.34 4.17
C SER A 180 -16.06 -16.13 2.95
N ASN A 181 -15.60 -15.38 1.94
CA ASN A 181 -16.45 -14.93 0.81
C ASN A 181 -16.00 -15.53 -0.53
N ARG A 182 -14.91 -16.32 -0.53
CA ARG A 182 -14.38 -17.06 -1.72
C ARG A 182 -13.92 -16.09 -2.82
N LEU A 183 -13.50 -14.87 -2.46
CA LEU A 183 -13.09 -13.83 -3.44
C LEU A 183 -11.57 -13.65 -3.41
N ILE A 184 -10.98 -13.51 -4.60
CA ILE A 184 -9.52 -13.21 -4.78
C ILE A 184 -9.26 -11.77 -4.31
N LYS A 185 -8.12 -11.58 -3.66
CA LYS A 185 -7.72 -10.29 -3.05
C LYS A 185 -6.83 -9.52 -4.01
N PHE A 186 -6.62 -8.25 -3.72
CA PHE A 186 -5.70 -7.39 -4.50
C PHE A 186 -4.27 -7.83 -4.18
N ILE A 187 -3.96 -7.95 -2.89
CA ILE A 187 -2.73 -8.64 -2.40
C ILE A 187 -3.11 -9.48 -1.20
N PRO A 188 -2.28 -10.45 -0.76
CA PRO A 188 -2.68 -11.33 0.34
C PRO A 188 -3.05 -10.62 1.65
N GLU A 189 -2.44 -9.46 1.93
CA GLU A 189 -2.52 -8.79 3.26
C GLU A 189 -3.72 -7.83 3.39
N LEU A 190 -4.36 -7.41 2.28
CA LEU A 190 -5.30 -6.26 2.27
C LEU A 190 -6.73 -6.72 1.98
N PRO A 191 -7.72 -6.17 2.73
CA PRO A 191 -9.10 -6.70 2.71
C PRO A 191 -10.02 -6.15 1.61
N PHE A 192 -9.52 -6.05 0.37
CA PHE A 192 -10.35 -5.61 -0.80
C PHE A 192 -9.86 -6.33 -2.04
N SER A 193 -10.47 -6.01 -3.18
CA SER A 193 -10.24 -6.75 -4.44
C SER A 193 -9.96 -5.80 -5.61
N ASP A 194 -9.70 -6.43 -6.76
CA ASP A 194 -9.48 -5.83 -8.11
C ASP A 194 -10.34 -6.63 -9.09
N PRO A 195 -11.47 -6.07 -9.62
CA PRO A 195 -12.44 -6.86 -10.40
C PRO A 195 -11.87 -7.62 -11.62
N SER A 196 -10.85 -7.06 -12.26
CA SER A 196 -10.13 -7.64 -13.43
C SER A 196 -9.31 -8.89 -13.05
N TYR A 197 -9.12 -9.16 -11.76
CA TYR A 197 -8.42 -10.38 -11.26
C TYR A 197 -9.38 -11.58 -11.20
N HIS A 198 -10.69 -11.31 -11.26
CA HIS A 198 -11.76 -12.33 -11.08
C HIS A 198 -11.98 -13.08 -12.40
N LEU A 199 -11.70 -14.38 -12.37
CA LEU A 199 -11.70 -15.26 -13.58
C LEU A 199 -12.54 -16.50 -13.29
N PRO A 200 -13.88 -16.38 -13.13
CA PRO A 200 -14.73 -17.53 -12.79
C PRO A 200 -14.51 -18.71 -13.76
N HIS A 201 -14.32 -18.41 -15.04
CA HIS A 201 -14.00 -19.39 -16.09
C HIS A 201 -12.76 -20.20 -15.69
N PHE A 202 -11.67 -19.61 -15.18
CA PHE A 202 -10.45 -20.38 -14.76
C PHE A 202 -10.73 -21.18 -13.48
N TYR A 203 -11.53 -20.65 -12.55
CA TYR A 203 -11.84 -21.34 -11.27
C TYR A 203 -12.65 -22.61 -11.58
N GLU A 204 -13.51 -22.56 -12.61
CA GLU A 204 -14.30 -23.74 -13.07
C GLU A 204 -13.34 -24.89 -13.40
N LEU A 205 -12.25 -24.58 -14.09
CA LEU A 205 -11.25 -25.57 -14.57
C LEU A 205 -10.33 -25.97 -13.43
N PHE A 206 -10.05 -25.06 -12.48
CA PHE A 206 -9.33 -25.32 -11.21
C PHE A 206 -10.11 -26.35 -10.37
N ALA A 207 -11.44 -26.26 -10.44
CA ALA A 207 -12.38 -27.15 -9.72
C ALA A 207 -12.31 -28.55 -10.32
N GLN A 208 -11.62 -28.70 -11.44
CA GLN A 208 -11.44 -30.01 -12.10
C GLN A 208 -9.99 -30.50 -11.94
N TYR A 209 -9.00 -29.59 -11.98
CA TYR A 209 -7.58 -29.94 -12.19
C TYR A 209 -6.74 -29.71 -10.93
N ALA A 210 -7.25 -29.00 -9.92
CA ALA A 210 -6.45 -28.71 -8.71
C ALA A 210 -6.51 -29.91 -7.77
N ASN A 211 -5.78 -29.83 -6.66
CA ASN A 211 -5.82 -30.86 -5.58
C ASN A 211 -7.29 -31.11 -5.20
N GLU A 212 -7.64 -32.37 -5.01
CA GLU A 212 -9.04 -32.82 -4.75
C GLU A 212 -9.62 -32.02 -3.58
N GLN A 213 -8.85 -31.85 -2.50
CA GLN A 213 -9.35 -31.21 -1.25
C GLN A 213 -9.80 -29.78 -1.53
N ASP A 214 -9.33 -29.12 -2.60
CA ASP A 214 -9.64 -27.70 -2.89
C ASP A 214 -10.76 -27.57 -3.93
N ARG A 215 -11.21 -28.64 -4.56
CA ARG A 215 -12.07 -28.56 -5.78
C ARG A 215 -13.44 -27.97 -5.44
N THR A 216 -14.04 -28.34 -4.31
CA THR A 216 -15.31 -27.75 -3.81
C THR A 216 -15.14 -26.23 -3.66
N PHE A 217 -14.03 -25.77 -3.09
CA PHE A 217 -13.75 -24.33 -2.88
C PHE A 217 -13.72 -23.57 -4.21
N TRP A 218 -12.99 -24.09 -5.20
CA TRP A 218 -12.84 -23.46 -6.53
C TRP A 218 -14.20 -23.33 -7.22
N LYS A 219 -15.08 -24.31 -7.03
CA LYS A 219 -16.43 -24.29 -7.63
C LYS A 219 -17.21 -23.11 -7.03
N GLU A 220 -17.14 -22.93 -5.71
CA GLU A 220 -17.83 -21.83 -4.98
C GLU A 220 -17.21 -20.48 -5.37
N ALA A 221 -15.89 -20.45 -5.58
CA ALA A 221 -15.14 -19.24 -6.02
C ALA A 221 -15.63 -18.79 -7.41
N ALA A 222 -15.88 -19.73 -8.32
CA ALA A 222 -16.40 -19.44 -9.68
C ALA A 222 -17.78 -18.80 -9.54
N GLU A 223 -18.67 -19.47 -8.81
CA GLU A 223 -20.04 -18.96 -8.47
C GLU A 223 -19.90 -17.57 -7.82
N ALA A 224 -18.97 -17.41 -6.87
CA ALA A 224 -18.81 -16.18 -6.06
C ALA A 224 -18.30 -15.01 -6.93
N SER A 225 -17.37 -15.28 -7.84
CA SER A 225 -16.78 -14.23 -8.72
C SER A 225 -17.83 -13.70 -9.72
N ARG A 226 -18.75 -14.56 -10.18
CA ARG A 226 -19.82 -14.13 -11.11
C ARG A 226 -20.73 -13.15 -10.37
N ALA A 227 -21.11 -13.48 -9.14
CA ALA A 227 -21.93 -12.60 -8.28
C ALA A 227 -21.19 -11.28 -8.07
N TYR A 228 -19.88 -11.35 -7.81
CA TYR A 228 -19.03 -10.18 -7.45
C TYR A 228 -19.03 -9.17 -8.60
N LEU A 229 -18.87 -9.67 -9.83
CA LEU A 229 -18.72 -8.82 -11.03
C LEU A 229 -20.04 -8.12 -11.31
N ARG A 230 -21.16 -8.71 -10.88
CA ARG A 230 -22.51 -8.10 -11.01
C ARG A 230 -22.61 -6.88 -10.08
N THR A 231 -21.90 -6.88 -8.95
CA THR A 231 -21.90 -5.79 -7.93
C THR A 231 -20.79 -4.77 -8.22
N ALA A 232 -19.77 -5.14 -8.99
CA ALA A 232 -18.56 -4.32 -9.24
C ALA A 232 -18.77 -3.46 -10.49
N CYS A 233 -19.45 -4.01 -11.51
CA CYS A 233 -19.67 -3.32 -12.80
C CYS A 233 -20.87 -2.38 -12.68
N HIS A 234 -20.69 -1.16 -13.19
CA HIS A 234 -21.72 -0.08 -13.15
C HIS A 234 -22.95 -0.54 -13.92
N PRO A 235 -24.15 -0.46 -13.32
CA PRO A 235 -25.37 -0.98 -13.94
C PRO A 235 -25.82 -0.22 -15.19
N VAL A 236 -25.34 1.02 -15.38
CA VAL A 236 -25.70 1.91 -16.53
C VAL A 236 -24.58 1.83 -17.56
N THR A 237 -23.38 2.27 -17.20
CA THR A 237 -22.23 2.46 -18.12
C THR A 237 -21.54 1.13 -18.42
N GLY A 238 -21.46 0.24 -17.42
CA GLY A 238 -20.81 -1.08 -17.51
C GLY A 238 -19.34 -1.04 -17.12
N LEU A 239 -18.83 0.13 -16.73
CA LEU A 239 -17.41 0.32 -16.35
C LEU A 239 -17.25 -0.14 -14.90
N SER A 240 -16.12 -0.74 -14.57
CA SER A 240 -15.79 -1.16 -13.19
C SER A 240 -14.62 -0.33 -12.71
N PRO A 241 -14.43 -0.22 -11.39
CA PRO A 241 -13.27 0.47 -10.84
C PRO A 241 -12.07 -0.48 -10.88
N GLU A 242 -10.86 0.07 -10.85
CA GLU A 242 -9.61 -0.74 -10.83
C GLU A 242 -9.56 -1.54 -9.53
N TYR A 243 -9.79 -0.92 -8.37
CA TYR A 243 -9.88 -1.60 -7.05
C TYR A 243 -11.29 -1.39 -6.51
N ALA A 244 -11.90 -2.47 -6.01
CA ALA A 244 -13.24 -2.48 -5.40
C ALA A 244 -13.17 -3.19 -4.05
N ASN A 245 -14.09 -2.82 -3.15
CA ASN A 245 -14.35 -3.50 -1.85
C ASN A 245 -15.01 -4.85 -2.13
N TYR A 246 -15.17 -5.68 -1.10
CA TYR A 246 -15.77 -7.03 -1.24
C TYR A 246 -17.27 -6.93 -1.56
N ASP A 247 -17.89 -5.75 -1.38
CA ASP A 247 -19.32 -5.50 -1.64
C ASP A 247 -19.50 -4.91 -3.04
N GLY A 248 -18.41 -4.57 -3.73
CA GLY A 248 -18.43 -4.19 -5.16
C GLY A 248 -18.30 -2.69 -5.37
N THR A 249 -18.43 -1.90 -4.30
CA THR A 249 -18.23 -0.43 -4.33
C THR A 249 -16.75 -0.16 -4.58
N PRO A 250 -16.38 0.99 -5.18
CA PRO A 250 -14.98 1.30 -5.42
C PRO A 250 -14.21 1.41 -4.09
N ALA A 251 -13.01 0.83 -4.02
CA ALA A 251 -12.19 0.79 -2.79
C ALA A 251 -11.58 2.17 -2.55
N PRO A 252 -11.30 2.54 -1.27
CA PRO A 252 -10.80 3.87 -0.93
C PRO A 252 -9.50 4.23 -1.65
N VAL A 253 -9.23 5.52 -1.84
CA VAL A 253 -7.96 5.99 -2.46
C VAL A 253 -6.81 5.41 -1.64
N GLN A 254 -5.82 4.84 -2.33
CA GLN A 254 -4.67 4.14 -1.71
C GLN A 254 -3.48 5.10 -1.70
N LEU A 255 -2.43 4.76 -0.98
CA LEU A 255 -1.24 5.64 -0.87
C LEU A 255 -0.58 5.75 -2.24
N HIS A 256 -0.64 4.70 -3.06
CA HIS A 256 0.01 4.65 -4.40
C HIS A 256 -0.92 5.17 -5.51
N GLY A 257 -2.16 5.56 -5.21
CA GLY A 257 -3.03 6.25 -6.18
C GLY A 257 -4.52 5.98 -6.03
N ASP A 258 -5.31 6.64 -6.88
CA ASP A 258 -6.80 6.63 -6.89
C ASP A 258 -7.29 5.59 -7.91
N PHE A 259 -7.67 4.42 -7.45
CA PHE A 259 -8.04 3.27 -8.32
C PHE A 259 -9.56 3.08 -8.32
N ARG A 260 -10.33 4.16 -8.11
CA ARG A 260 -11.81 4.12 -8.04
C ARG A 260 -12.43 4.32 -9.44
N HIS A 261 -11.62 4.53 -10.46
CA HIS A 261 -12.10 4.94 -11.81
C HIS A 261 -11.86 3.82 -12.83
N PHE A 262 -12.34 4.02 -14.05
CA PHE A 262 -12.16 3.10 -15.19
C PHE A 262 -10.83 3.42 -15.88
N TYR A 263 -9.85 2.54 -15.69
CA TYR A 263 -8.48 2.67 -16.22
C TYR A 263 -7.89 1.28 -16.44
N SER A 264 -6.67 1.24 -17.00
CA SER A 264 -5.88 0.07 -17.47
C SER A 264 -6.36 -1.28 -16.89
N ASP A 265 -6.31 -1.44 -15.56
CA ASP A 265 -6.65 -2.71 -14.84
C ASP A 265 -8.05 -3.20 -15.23
N ALA A 266 -9.04 -2.31 -15.14
CA ALA A 266 -10.50 -2.59 -15.26
C ALA A 266 -10.91 -2.91 -16.70
N TYR A 267 -10.06 -2.61 -17.69
CA TYR A 267 -10.33 -2.97 -19.12
C TYR A 267 -10.43 -4.48 -19.29
N ARG A 268 -9.65 -5.26 -18.54
CA ARG A 268 -9.60 -6.75 -18.67
C ARG A 268 -10.95 -7.34 -18.23
N VAL A 269 -11.73 -6.63 -17.41
CA VAL A 269 -13.05 -7.14 -16.91
C VAL A 269 -13.94 -7.53 -18.12
N ALA A 270 -14.15 -6.62 -19.07
CA ALA A 270 -15.08 -6.83 -20.20
C ALA A 270 -14.67 -8.08 -20.99
N ALA A 271 -13.37 -8.31 -21.15
CA ALA A 271 -12.83 -9.50 -21.85
C ALA A 271 -13.02 -10.74 -20.97
N ASN A 272 -12.77 -10.63 -19.66
CA ASN A 272 -12.89 -11.75 -18.69
C ASN A 272 -14.34 -12.26 -18.72
N VAL A 273 -15.30 -11.33 -18.70
CA VAL A 273 -16.77 -11.61 -18.68
C VAL A 273 -17.16 -12.31 -19.99
N ALA A 274 -16.69 -11.76 -21.12
CA ALA A 274 -16.96 -12.25 -22.49
C ALA A 274 -16.49 -13.70 -22.62
N LEU A 275 -15.29 -14.03 -22.14
CA LEU A 275 -14.72 -15.40 -22.32
C LEU A 275 -15.42 -16.38 -21.38
N ASP A 276 -15.83 -15.96 -20.19
CA ASP A 276 -16.58 -16.88 -19.30
C ASP A 276 -17.89 -17.26 -19.99
N TRP A 277 -18.55 -16.30 -20.65
CA TRP A 277 -19.83 -16.53 -21.36
C TRP A 277 -19.59 -17.48 -22.54
N GLU A 278 -18.55 -17.22 -23.34
CA GLU A 278 -18.14 -18.08 -24.49
C GLU A 278 -17.90 -19.51 -24.01
N TRP A 279 -17.22 -19.73 -22.87
CA TRP A 279 -16.83 -21.07 -22.39
C TRP A 279 -17.98 -21.78 -21.67
N PHE A 280 -18.74 -21.08 -20.83
CA PHE A 280 -19.65 -21.74 -19.83
C PHE A 280 -21.14 -21.37 -19.99
N ARG A 281 -21.49 -20.30 -20.70
CA ARG A 281 -22.87 -19.72 -20.85
C ARG A 281 -23.68 -19.82 -19.55
N LYS A 282 -23.13 -19.39 -18.41
CA LYS A 282 -23.78 -19.64 -17.09
C LYS A 282 -24.61 -18.43 -16.63
N ASP A 283 -24.21 -17.20 -16.94
CA ASP A 283 -24.86 -15.98 -16.39
C ASP A 283 -25.32 -15.06 -17.52
N PRO A 284 -26.64 -14.95 -17.78
CA PRO A 284 -27.14 -14.12 -18.90
C PRO A 284 -26.87 -12.62 -18.72
N TRP A 285 -26.63 -12.19 -17.48
CA TRP A 285 -26.26 -10.79 -17.16
C TRP A 285 -25.06 -10.40 -18.01
N GLN A 286 -24.17 -11.37 -18.26
CA GLN A 286 -22.87 -11.22 -18.96
C GLN A 286 -23.08 -10.58 -20.34
N VAL A 287 -24.20 -10.94 -20.99
CA VAL A 287 -24.62 -10.42 -22.33
C VAL A 287 -24.93 -8.93 -22.22
N GLN A 288 -25.72 -8.54 -21.23
CA GLN A 288 -26.18 -7.13 -21.07
C GLN A 288 -24.99 -6.29 -20.64
N GLN A 289 -24.14 -6.83 -19.74
CA GLN A 289 -22.87 -6.19 -19.30
C GLN A 289 -21.98 -5.89 -20.51
N SER A 290 -21.80 -6.88 -21.40
CA SER A 290 -21.09 -6.71 -22.69
C SER A 290 -21.79 -5.66 -23.56
N ASN A 291 -23.12 -5.72 -23.68
CA ASN A 291 -23.90 -4.73 -24.48
C ASN A 291 -23.65 -3.32 -23.93
N ARG A 292 -23.62 -3.16 -22.60
CA ARG A 292 -23.50 -1.84 -21.92
C ARG A 292 -22.17 -1.16 -22.24
N ILE A 293 -21.05 -1.90 -22.14
CA ILE A 293 -19.69 -1.31 -22.28
C ILE A 293 -19.46 -0.96 -23.76
N GLN A 294 -19.93 -1.79 -24.70
CA GLN A 294 -19.86 -1.48 -26.15
C GLN A 294 -20.74 -0.26 -26.46
N ALA A 295 -21.95 -0.23 -25.90
CA ALA A 295 -22.88 0.92 -26.04
C ALA A 295 -22.20 2.19 -25.55
N PHE A 296 -21.44 2.11 -24.44
CA PHE A 296 -20.77 3.28 -23.81
C PHE A 296 -19.69 3.87 -24.72
N PHE A 297 -19.03 3.03 -25.52
CA PHE A 297 -17.80 3.38 -26.27
C PHE A 297 -18.08 3.50 -27.78
N SER A 298 -19.30 3.26 -28.25
CA SER A 298 -19.66 3.24 -29.71
C SER A 298 -19.39 4.59 -30.38
N ASP A 299 -19.73 5.68 -29.68
CA ASP A 299 -19.68 7.09 -30.16
C ASP A 299 -18.29 7.73 -29.94
N ILE A 300 -17.35 7.00 -29.33
CA ILE A 300 -16.05 7.56 -28.85
C ILE A 300 -14.93 7.02 -29.73
N ASP A 301 -14.03 7.88 -30.19
CA ASP A 301 -12.85 7.48 -31.01
C ASP A 301 -11.81 6.86 -30.08
N VAL A 302 -11.02 5.90 -30.56
CA VAL A 302 -9.98 5.21 -29.74
C VAL A 302 -9.00 6.28 -29.26
N SER A 303 -8.68 7.24 -30.12
CA SER A 303 -7.70 8.33 -29.86
C SER A 303 -8.29 9.38 -28.91
N ASP A 304 -9.59 9.32 -28.62
CA ASP A 304 -10.24 10.28 -27.68
C ASP A 304 -10.51 9.58 -26.35
N TYR A 305 -10.26 8.26 -26.23
CA TYR A 305 -10.44 7.48 -24.98
C TYR A 305 -9.73 8.21 -23.83
N ARG A 306 -10.36 8.19 -22.65
CA ARG A 306 -9.92 8.90 -21.43
C ARG A 306 -9.96 7.96 -20.23
N ARG A 307 -9.58 8.48 -19.06
CA ARG A 307 -10.04 7.96 -17.77
C ARG A 307 -11.51 8.37 -17.61
N TYR A 308 -12.35 7.50 -17.08
CA TYR A 308 -13.76 7.82 -16.78
C TYR A 308 -14.02 7.46 -15.33
N THR A 309 -14.94 8.16 -14.67
CA THR A 309 -15.56 7.64 -13.43
C THR A 309 -16.34 6.41 -13.87
N ILE A 310 -16.75 5.55 -12.96
CA ILE A 310 -17.56 4.34 -13.32
C ILE A 310 -18.98 4.79 -13.72
N GLU A 311 -19.31 6.06 -13.49
CA GLU A 311 -20.60 6.74 -13.80
C GLU A 311 -20.57 7.32 -15.23
N GLY A 312 -19.43 7.19 -15.93
CA GLY A 312 -19.26 7.62 -17.32
C GLY A 312 -18.71 9.03 -17.43
N GLU A 313 -18.47 9.71 -16.31
CA GLU A 313 -17.91 11.07 -16.30
C GLU A 313 -16.48 10.98 -16.83
N PRO A 314 -16.14 11.66 -17.95
CA PRO A 314 -14.79 11.58 -18.48
C PRO A 314 -13.83 12.60 -17.85
N PHE A 315 -12.58 12.19 -17.64
CA PHE A 315 -11.48 13.07 -17.14
C PHE A 315 -10.83 13.75 -18.35
N ASN A 316 -10.04 14.80 -18.11
CA ASN A 316 -9.23 15.45 -19.17
C ASN A 316 -8.13 14.50 -19.64
N GLU A 317 -7.64 13.67 -18.72
CA GLU A 317 -6.50 12.73 -18.90
C GLU A 317 -6.83 11.67 -19.95
N PRO A 318 -5.98 11.46 -20.97
CA PRO A 318 -6.21 10.40 -21.97
C PRO A 318 -5.88 9.03 -21.37
N ALA A 319 -6.55 7.98 -21.84
CA ALA A 319 -6.22 6.58 -21.51
C ALA A 319 -4.75 6.35 -21.89
N LEU A 320 -4.03 5.62 -21.06
CA LEU A 320 -2.59 5.35 -21.27
C LEU A 320 -2.42 4.22 -22.29
N HIS A 321 -3.39 3.31 -22.34
CA HIS A 321 -3.40 2.12 -23.22
C HIS A 321 -4.70 2.10 -24.00
N PRO A 322 -4.90 3.01 -24.98
CA PRO A 322 -6.16 3.07 -25.73
C PRO A 322 -6.40 1.89 -26.68
N VAL A 323 -5.35 1.26 -27.20
CA VAL A 323 -5.47 0.04 -28.06
C VAL A 323 -5.84 -1.16 -27.17
N GLY A 324 -5.32 -1.22 -25.94
CA GLY A 324 -5.73 -2.23 -24.94
C GLY A 324 -7.24 -2.16 -24.69
N LEU A 325 -7.76 -0.95 -24.54
CA LEU A 325 -9.20 -0.70 -24.26
C LEU A 325 -10.04 -1.07 -25.49
N LEU A 326 -9.64 -0.69 -26.71
CA LEU A 326 -10.40 -1.11 -27.92
C LEU A 326 -10.41 -2.64 -27.97
N ALA A 327 -9.25 -3.27 -27.76
CA ALA A 327 -9.11 -4.73 -27.77
C ALA A 327 -10.11 -5.38 -26.82
N THR A 328 -10.20 -4.92 -25.57
CA THR A 328 -11.12 -5.51 -24.56
C THR A 328 -12.59 -5.24 -24.93
N ASN A 329 -12.90 -4.08 -25.51
CA ASN A 329 -14.27 -3.73 -25.98
C ASN A 329 -14.67 -4.66 -27.12
N ALA A 330 -13.75 -4.92 -28.05
CA ALA A 330 -13.99 -5.83 -29.19
C ALA A 330 -14.16 -7.26 -28.68
N MET A 331 -13.42 -7.64 -27.63
CA MET A 331 -13.48 -9.02 -27.06
C MET A 331 -14.87 -9.28 -26.46
N ALA A 332 -15.49 -8.24 -25.92
CA ALA A 332 -16.85 -8.31 -25.34
C ALA A 332 -17.87 -8.74 -26.40
N SER A 333 -17.50 -8.79 -27.69
CA SER A 333 -18.40 -9.24 -28.80
C SER A 333 -18.70 -10.74 -28.68
N LEU A 334 -17.88 -11.48 -27.94
CA LEU A 334 -18.17 -12.91 -27.62
C LEU A 334 -19.54 -12.98 -26.92
N ALA A 335 -19.91 -12.03 -26.05
CA ALA A 335 -21.17 -12.06 -25.27
C ALA A 335 -22.24 -11.12 -25.86
N ALA A 336 -21.85 -9.91 -26.26
CA ALA A 336 -22.75 -8.83 -26.76
C ALA A 336 -23.52 -9.32 -28.00
N ASP A 337 -24.79 -8.95 -28.10
CA ASP A 337 -25.63 -9.25 -29.28
C ASP A 337 -26.40 -7.98 -29.67
N GLY A 338 -25.85 -6.82 -29.30
CA GLY A 338 -26.47 -5.50 -29.53
C GLY A 338 -26.06 -4.97 -30.89
N PRO A 339 -26.31 -3.67 -31.20
CA PRO A 339 -26.05 -3.12 -32.52
C PRO A 339 -24.61 -2.68 -32.77
N ASP A 340 -23.69 -2.89 -31.82
CA ASP A 340 -22.31 -2.35 -31.90
C ASP A 340 -21.29 -3.49 -31.99
N ALA A 341 -21.72 -4.76 -31.92
CA ALA A 341 -20.83 -5.94 -31.78
C ALA A 341 -20.00 -6.14 -33.04
N ASP A 342 -20.60 -6.04 -34.23
CA ASP A 342 -19.89 -6.23 -35.52
C ASP A 342 -18.96 -5.05 -35.77
N SER A 343 -19.36 -3.85 -35.36
CA SER A 343 -18.55 -2.63 -35.56
C SER A 343 -17.21 -2.79 -34.85
N PHE A 344 -17.24 -3.26 -33.62
CA PHE A 344 -16.02 -3.47 -32.79
C PHE A 344 -15.16 -4.58 -33.38
N VAL A 345 -15.76 -5.65 -33.93
CA VAL A 345 -15.00 -6.77 -34.54
C VAL A 345 -14.26 -6.23 -35.76
N LYS A 346 -14.92 -5.40 -36.56
CA LYS A 346 -14.35 -4.79 -37.80
C LYS A 346 -13.30 -3.77 -37.39
N ARG A 347 -13.62 -2.93 -36.40
CA ARG A 347 -12.71 -1.87 -35.90
C ARG A 347 -11.40 -2.52 -35.44
N PHE A 348 -11.51 -3.59 -34.68
CA PHE A 348 -10.36 -4.33 -34.11
C PHE A 348 -9.51 -4.85 -35.26
N TRP A 349 -10.15 -5.39 -36.28
CA TRP A 349 -9.48 -6.05 -37.44
C TRP A 349 -8.63 -5.03 -38.20
N ASN A 350 -9.00 -3.75 -38.19
CA ASN A 350 -8.29 -2.69 -38.94
C ASN A 350 -7.34 -1.90 -38.02
N THR A 351 -7.17 -2.37 -36.79
CA THR A 351 -6.24 -1.80 -35.79
C THR A 351 -4.97 -2.64 -35.82
N PRO A 352 -3.79 -2.02 -36.07
CA PRO A 352 -2.53 -2.74 -35.98
C PRO A 352 -2.06 -2.83 -34.52
N LEU A 353 -1.02 -3.63 -34.28
CA LEU A 353 -0.27 -3.64 -33.01
C LEU A 353 0.27 -2.24 -32.74
N ARG A 354 0.25 -1.86 -31.47
CA ARG A 354 0.92 -0.63 -30.99
C ARG A 354 2.43 -0.83 -31.07
N GLN A 355 3.15 0.25 -31.36
CA GLN A 355 4.63 0.29 -31.33
C GLN A 355 5.08 1.30 -30.28
N GLY A 356 6.34 1.24 -29.89
CA GLY A 356 6.87 2.29 -29.00
C GLY A 356 6.93 1.82 -27.57
N LYS A 357 7.23 2.78 -26.70
CA LYS A 357 7.53 2.66 -25.26
C LYS A 357 6.32 2.06 -24.50
N ARG A 358 5.08 2.43 -24.81
CA ARG A 358 3.92 2.03 -23.96
C ARG A 358 3.18 0.83 -24.57
N ARG A 359 3.82 0.06 -25.45
CA ARG A 359 3.12 -0.92 -26.32
C ARG A 359 2.80 -2.20 -25.55
N TYR A 360 3.42 -2.47 -24.40
CA TYR A 360 3.38 -3.82 -23.79
C TYR A 360 1.94 -4.25 -23.50
N TYR A 361 1.22 -3.47 -22.68
CA TYR A 361 -0.13 -3.83 -22.17
C TYR A 361 -1.16 -3.82 -23.30
N ASP A 362 -1.02 -2.86 -24.20
CA ASP A 362 -1.88 -2.76 -25.40
C ASP A 362 -1.77 -4.07 -26.18
N ASN A 363 -0.53 -4.53 -26.38
CA ASN A 363 -0.21 -5.64 -27.32
C ASN A 363 -0.55 -6.98 -26.68
N CYS A 364 -0.49 -7.11 -25.35
CA CYS A 364 -0.94 -8.35 -24.65
C CYS A 364 -2.45 -8.51 -24.83
N LEU A 365 -3.21 -7.48 -24.42
CA LEU A 365 -4.69 -7.44 -24.51
C LEU A 365 -5.12 -7.63 -25.97
N TYR A 366 -4.45 -6.94 -26.89
CA TYR A 366 -4.65 -7.06 -28.35
C TYR A 366 -4.62 -8.54 -28.71
N PHE A 367 -3.56 -9.24 -28.33
CA PHE A 367 -3.33 -10.64 -28.74
C PHE A 367 -4.41 -11.57 -28.19
N PHE A 368 -4.83 -11.42 -26.93
CA PHE A 368 -5.88 -12.29 -26.34
C PHE A 368 -7.22 -12.09 -27.05
N THR A 369 -7.44 -10.88 -27.55
CA THR A 369 -8.64 -10.53 -28.36
C THR A 369 -8.52 -11.20 -29.73
N MET A 370 -7.34 -11.15 -30.34
CA MET A 370 -7.08 -11.79 -31.66
C MET A 370 -7.33 -13.29 -31.56
N LEU A 371 -6.80 -13.95 -30.52
CA LEU A 371 -7.06 -15.38 -30.19
C LEU A 371 -8.57 -15.61 -30.08
N ALA A 372 -9.23 -14.89 -29.16
CA ALA A 372 -10.66 -15.12 -28.82
C ALA A 372 -11.57 -14.83 -30.02
N LEU A 373 -11.34 -13.75 -30.77
CA LEU A 373 -12.21 -13.36 -31.91
C LEU A 373 -11.99 -14.29 -33.12
N SER A 374 -10.87 -15.01 -33.20
CA SER A 374 -10.65 -16.02 -34.27
C SER A 374 -11.12 -17.40 -33.81
N GLY A 375 -11.50 -17.55 -32.54
CA GLY A 375 -12.02 -18.80 -31.97
C GLY A 375 -10.89 -19.70 -31.50
N ASN A 376 -9.85 -19.11 -30.91
CA ASN A 376 -8.55 -19.79 -30.68
C ASN A 376 -8.09 -19.65 -29.23
N TYR A 377 -8.93 -19.03 -28.38
CA TYR A 377 -8.74 -18.96 -26.90
C TYR A 377 -9.60 -20.07 -26.34
N ARG A 378 -9.02 -21.23 -26.11
CA ARG A 378 -9.73 -22.50 -25.90
C ARG A 378 -9.34 -23.14 -24.58
N VAL A 379 -10.24 -24.00 -24.08
CA VAL A 379 -9.99 -24.94 -22.96
C VAL A 379 -9.31 -26.18 -23.53
N TYR A 380 -8.15 -26.55 -23.00
CA TYR A 380 -7.39 -27.77 -23.35
C TYR A 380 -7.57 -28.77 -22.22
N GLN A 381 -8.29 -29.86 -22.53
CA GLN A 381 -8.83 -30.81 -21.53
C GLN A 381 -8.00 -32.10 -21.50
N GLN A 382 -8.33 -32.97 -20.53
CA GLN A 382 -7.89 -34.39 -20.32
C GLN A 382 -6.92 -34.44 -19.12
N LYS B 6 18.81 7.77 37.64
CA LYS B 6 17.35 7.46 37.79
C LYS B 6 16.52 8.48 36.99
N GLY B 7 15.42 8.05 36.36
CA GLY B 7 14.67 8.82 35.35
C GLY B 7 13.90 9.99 35.95
N ALA B 8 13.54 10.98 35.13
CA ALA B 8 12.76 12.19 35.52
C ALA B 8 11.35 11.81 36.01
N TYR B 9 10.83 10.64 35.61
CA TYR B 9 9.53 10.11 36.11
C TYR B 9 9.61 9.80 37.61
N ASP B 10 10.77 9.36 38.09
CA ASP B 10 11.02 8.97 39.50
C ASP B 10 11.55 10.16 40.31
N THR B 11 12.43 10.98 39.73
CA THR B 11 13.10 12.10 40.45
C THR B 11 12.25 13.37 40.44
N GLY B 12 11.38 13.53 39.44
CA GLY B 12 10.59 14.76 39.29
C GLY B 12 11.40 15.91 38.70
N THR B 13 12.66 15.71 38.33
CA THR B 13 13.50 16.83 37.81
C THR B 13 13.91 16.57 36.36
N TYR B 14 13.75 17.59 35.52
CA TYR B 14 13.89 17.57 34.05
C TYR B 14 15.12 18.36 33.64
N ALA B 15 15.92 17.82 32.72
CA ALA B 15 17.16 18.46 32.20
C ALA B 15 16.77 19.69 31.36
N ASN B 16 17.28 20.86 31.73
CA ASN B 16 17.22 22.11 30.93
C ASN B 16 18.55 22.24 30.18
N LEU B 17 18.66 21.67 28.98
CA LEU B 17 19.94 21.65 28.24
C LEU B 17 20.25 23.04 27.69
N PHE B 18 19.24 23.90 27.52
CA PHE B 18 19.46 25.31 27.10
C PHE B 18 20.23 26.02 28.22
N GLN B 19 19.86 25.72 29.46
CA GLN B 19 20.43 26.34 30.68
C GLN B 19 21.87 25.83 30.86
N ARG B 20 22.07 24.53 30.64
CA ARG B 20 23.41 23.87 30.73
C ARG B 20 24.37 24.49 29.72
N SER B 21 23.86 24.87 28.54
CA SER B 21 24.64 25.48 27.44
C SER B 21 24.90 26.96 27.72
N GLY B 22 24.29 27.53 28.77
CA GLY B 22 24.61 28.88 29.26
C GLY B 22 23.52 29.89 29.01
N TYR B 23 22.38 29.53 28.41
CA TYR B 23 21.25 30.45 28.15
C TYR B 23 20.56 30.75 29.50
N ARG B 24 20.03 31.96 29.65
CA ARG B 24 19.35 32.43 30.90
C ARG B 24 17.97 31.79 31.01
N GLU B 25 17.52 31.47 32.24
CA GLU B 25 16.17 30.90 32.49
C GLU B 25 15.10 31.82 31.88
N ASP B 26 15.41 33.11 31.76
CA ASP B 26 14.54 34.18 31.22
C ASP B 26 14.41 34.03 29.69
N GLU B 27 15.56 34.02 29.02
CA GLU B 27 15.71 33.84 27.55
C GLU B 27 14.87 32.63 27.11
N ILE B 28 14.96 31.54 27.88
CA ILE B 28 14.43 30.18 27.53
C ILE B 28 12.91 30.18 27.62
N LYS B 29 12.35 30.65 28.74
CA LYS B 29 10.89 30.65 29.00
C LYS B 29 10.18 31.55 27.96
N ALA B 30 10.83 32.63 27.54
CA ALA B 30 10.27 33.61 26.56
C ALA B 30 10.32 33.02 25.15
N ARG B 31 11.48 32.47 24.76
CA ARG B 31 11.69 31.79 23.45
C ARG B 31 10.64 30.70 23.28
N LEU B 32 10.36 29.92 24.34
CA LEU B 32 9.38 28.81 24.33
C LEU B 32 7.96 29.39 24.24
N GLU B 33 7.67 30.52 24.90
CA GLU B 33 6.34 31.18 24.82
C GLU B 33 6.19 31.80 23.43
N GLN B 34 7.28 32.30 22.84
CA GLN B 34 7.22 32.93 21.49
C GLN B 34 7.20 31.86 20.41
N THR B 35 7.69 30.64 20.68
CA THR B 35 7.64 29.51 19.72
C THR B 35 6.18 29.00 19.64
N TRP B 36 5.47 28.98 20.77
CA TRP B 36 4.03 28.60 20.84
C TRP B 36 3.22 29.66 20.07
N ASN B 37 3.41 30.95 20.40
CA ASN B 37 2.65 32.08 19.80
C ASN B 37 2.82 32.12 18.27
N ASP B 38 4.00 31.82 17.74
CA ASP B 38 4.27 31.89 16.27
C ASP B 38 3.54 30.74 15.58
N LEU B 39 3.47 29.58 16.24
CA LEU B 39 2.90 28.34 15.66
C LEU B 39 1.39 28.37 15.71
N PHE B 40 0.82 28.92 16.77
CA PHE B 40 -0.63 28.84 17.01
C PHE B 40 -1.32 30.13 16.55
N TYR B 41 -0.68 31.29 16.74
CA TYR B 41 -1.29 32.61 16.47
C TYR B 41 -0.35 33.47 15.63
N GLY B 42 0.52 32.84 14.84
CA GLY B 42 1.50 33.57 14.03
C GLY B 42 0.89 34.04 12.72
N ASP B 43 1.73 34.60 11.86
CA ASP B 43 1.38 35.16 10.52
C ASP B 43 1.10 34.00 9.56
N GLU B 44 0.47 34.31 8.43
CA GLU B 44 -0.04 33.31 7.46
C GLU B 44 1.09 32.39 6.94
N HIS B 45 2.35 32.83 6.99
CA HIS B 45 3.52 32.08 6.42
C HIS B 45 4.21 31.19 7.46
N THR B 46 3.79 31.27 8.74
CA THR B 46 4.48 30.61 9.89
C THR B 46 3.53 29.64 10.62
N ARG B 47 2.32 30.09 10.95
CA ARG B 47 1.35 29.34 11.79
C ARG B 47 0.97 28.03 11.09
N ILE B 48 0.58 27.03 11.89
CA ILE B 48 0.12 25.69 11.47
C ILE B 48 -1.21 25.36 12.14
N TYR B 49 -1.63 26.16 13.12
CA TYR B 49 -2.91 26.00 13.86
C TYR B 49 -3.92 27.02 13.36
N TYR B 50 -5.13 26.55 13.08
CA TYR B 50 -6.25 27.32 12.49
C TYR B 50 -7.51 27.04 13.29
N PRO B 51 -8.09 28.05 13.98
CA PRO B 51 -9.32 27.86 14.73
C PRO B 51 -10.52 27.83 13.77
N VAL B 52 -11.56 27.07 14.16
CA VAL B 52 -12.81 26.85 13.38
C VAL B 52 -14.01 26.97 14.31
N GLY B 53 -14.95 27.87 13.98
CA GLY B 53 -16.17 28.12 14.78
C GLY B 53 -15.83 28.39 16.23
N ASP B 54 -16.76 28.05 17.13
CA ASP B 54 -16.66 28.33 18.58
C ASP B 54 -15.87 27.23 19.30
N ASP B 55 -15.77 26.01 18.77
CA ASP B 55 -15.31 24.87 19.60
C ASP B 55 -14.46 23.87 18.80
N LYS B 56 -13.77 24.28 17.74
CA LYS B 56 -12.96 23.34 16.92
C LYS B 56 -11.73 24.05 16.35
N GLY B 57 -10.66 23.28 16.10
CA GLY B 57 -9.45 23.75 15.40
C GLY B 57 -8.70 22.60 14.76
N TYR B 58 -7.85 22.87 13.78
CA TYR B 58 -6.99 21.84 13.16
C TYR B 58 -5.53 22.31 13.03
N MET B 59 -4.64 21.32 13.04
CA MET B 59 -3.22 21.45 12.62
C MET B 59 -3.18 21.13 11.13
N LEU B 60 -2.76 22.09 10.30
CA LEU B 60 -2.71 21.96 8.82
C LEU B 60 -1.35 21.38 8.41
N ASP B 61 -1.32 20.21 7.74
CA ASP B 61 -0.14 19.78 6.95
C ASP B 61 -0.12 20.67 5.69
N THR B 62 0.77 21.66 5.69
CA THR B 62 0.79 22.76 4.71
C THR B 62 1.27 22.22 3.35
N GLY B 63 2.20 21.27 3.38
CA GLY B 63 2.77 20.67 2.16
C GLY B 63 1.74 19.89 1.37
N ASN B 64 0.86 19.15 2.07
CA ASN B 64 -0.11 18.20 1.48
C ASN B 64 -1.53 18.80 1.50
N ASP B 65 -1.71 19.96 2.14
CA ASP B 65 -2.98 20.73 2.18
C ASP B 65 -4.10 19.91 2.78
N ASP B 66 -3.79 19.15 3.83
CA ASP B 66 -4.81 18.33 4.53
C ASP B 66 -4.53 18.38 6.03
N VAL B 67 -5.39 17.70 6.78
CA VAL B 67 -5.33 17.58 8.26
C VAL B 67 -5.05 16.11 8.53
N ARG B 68 -4.00 15.80 9.29
CA ARG B 68 -3.55 14.43 9.53
C ARG B 68 -3.68 14.08 11.00
N SER B 69 -4.12 12.86 11.30
CA SER B 69 -4.34 12.42 12.69
C SER B 69 -3.04 12.61 13.49
N ALA B 70 -1.86 12.41 12.89
CA ALA B 70 -0.56 12.63 13.58
C ALA B 70 -0.44 14.11 13.98
N GLY B 71 -0.71 15.04 13.07
CA GLY B 71 -0.69 16.49 13.34
C GLY B 71 -1.67 16.90 14.44
N MET B 72 -2.91 16.43 14.37
CA MET B 72 -3.94 16.74 15.39
C MET B 72 -3.40 16.31 16.75
N SER B 73 -2.99 15.04 16.87
CA SER B 73 -2.45 14.45 18.12
C SER B 73 -1.16 15.16 18.51
N TYR B 74 -0.35 15.62 17.56
CA TYR B 74 0.86 16.43 17.85
C TYR B 74 0.44 17.73 18.54
N GLY B 75 -0.48 18.47 17.93
CA GLY B 75 -1.03 19.72 18.47
C GLY B 75 -1.54 19.54 19.89
N MET B 76 -2.28 18.45 20.14
CA MET B 76 -2.89 18.11 21.45
C MET B 76 -1.80 17.84 22.51
N MET B 77 -0.66 17.28 22.12
CA MET B 77 0.46 17.05 23.07
C MET B 77 1.12 18.39 23.40
N MET B 78 1.39 19.20 22.37
CA MET B 78 2.03 20.54 22.55
C MET B 78 1.18 21.36 23.53
N ALA B 79 -0.13 21.29 23.38
CA ALA B 79 -1.12 22.09 24.13
C ALA B 79 -1.13 21.65 25.58
N VAL B 80 -1.11 20.34 25.86
CA VAL B 80 -1.25 19.85 27.27
C VAL B 80 0.08 20.08 28.00
N GLN B 81 1.21 20.00 27.29
CA GLN B 81 2.58 20.31 27.80
C GLN B 81 2.67 21.81 28.16
N MET B 82 2.00 22.67 27.39
CA MET B 82 2.05 24.15 27.51
C MET B 82 0.90 24.66 28.39
N ASP B 83 0.03 23.76 28.87
CA ASP B 83 -1.09 24.11 29.78
C ASP B 83 -2.07 25.02 29.01
N LYS B 84 -2.46 24.62 27.79
CA LYS B 84 -3.35 25.41 26.88
C LYS B 84 -4.61 24.62 26.53
N LYS B 85 -5.52 24.51 27.51
CA LYS B 85 -6.76 23.69 27.48
C LYS B 85 -7.68 24.11 26.32
N HIS B 86 -7.76 25.40 25.99
CA HIS B 86 -8.69 25.92 24.96
C HIS B 86 -8.31 25.33 23.59
N GLU B 87 -7.03 25.42 23.25
CA GLU B 87 -6.47 24.93 21.96
C GLU B 87 -6.57 23.40 21.95
N PHE B 88 -6.21 22.77 23.05
CA PHE B 88 -6.34 21.30 23.26
C PHE B 88 -7.76 20.85 22.94
N ASP B 89 -8.75 21.45 23.63
CA ASP B 89 -10.19 21.11 23.50
C ASP B 89 -10.71 21.39 22.09
N ARG B 90 -10.21 22.45 21.44
CA ARG B 90 -10.62 22.75 20.04
C ARG B 90 -10.11 21.65 19.12
N LEU B 91 -8.86 21.25 19.28
CA LEU B 91 -8.22 20.16 18.50
C LEU B 91 -8.92 18.82 18.77
N TRP B 92 -9.16 18.49 20.05
CA TRP B 92 -9.80 17.21 20.44
C TRP B 92 -11.22 17.15 19.90
N ASN B 93 -11.95 18.26 19.90
CA ASN B 93 -13.35 18.27 19.37
C ASN B 93 -13.32 17.93 17.88
N TYR B 94 -12.37 18.52 17.14
CA TYR B 94 -12.24 18.36 15.67
C TYR B 94 -11.93 16.90 15.35
N ALA B 95 -10.98 16.30 16.07
CA ALA B 95 -10.54 14.91 15.87
C ALA B 95 -11.70 13.95 16.20
N TYR B 96 -12.23 14.04 17.40
CA TYR B 96 -13.45 13.31 17.87
C TYR B 96 -14.59 13.41 16.83
N THR B 97 -14.88 14.62 16.38
CA THR B 97 -16.08 14.97 15.57
C THR B 97 -15.91 14.44 14.13
N TYR B 98 -14.78 14.70 13.48
CA TYR B 98 -14.61 14.49 12.02
C TYR B 98 -13.84 13.21 11.71
N MET B 99 -12.88 12.83 12.57
CA MET B 99 -11.90 11.78 12.23
C MET B 99 -12.28 10.44 12.88
N GLN B 100 -12.77 10.42 14.12
CA GLN B 100 -12.99 9.11 14.81
C GLN B 100 -14.14 8.39 14.12
N HIS B 101 -13.98 7.08 13.90
CA HIS B 101 -15.01 6.17 13.35
C HIS B 101 -15.94 5.72 14.48
N THR B 102 -17.25 5.70 14.23
CA THR B 102 -18.30 5.27 15.19
C THR B 102 -18.63 3.78 15.03
N GLU B 103 -18.50 3.24 13.81
CA GLU B 103 -18.72 1.78 13.55
C GLU B 103 -17.84 1.32 12.38
N GLY B 104 -17.73 0.00 12.18
CA GLY B 104 -16.96 -0.59 11.08
C GLY B 104 -15.68 -1.25 11.58
N ARG B 105 -14.79 -1.63 10.66
CA ARG B 105 -13.52 -2.35 10.97
C ARG B 105 -12.54 -1.39 11.65
N TYR B 106 -12.79 -0.07 11.60
CA TYR B 106 -11.92 0.98 12.20
C TYR B 106 -12.61 1.71 13.36
N LYS B 107 -13.59 1.06 14.00
CA LYS B 107 -14.38 1.65 15.10
C LYS B 107 -13.43 2.12 16.20
N ASP B 108 -13.47 3.42 16.51
CA ASP B 108 -12.73 4.11 17.61
C ASP B 108 -11.31 4.47 17.16
N TYR B 109 -10.89 4.04 15.96
CA TYR B 109 -9.71 4.60 15.26
C TYR B 109 -10.12 5.92 14.62
N PHE B 110 -9.14 6.68 14.16
CA PHE B 110 -9.33 7.98 13.48
C PHE B 110 -8.82 7.86 12.05
N ALA B 111 -9.60 8.32 11.07
CA ALA B 111 -9.13 8.45 9.67
C ALA B 111 -7.88 9.33 9.66
N TRP B 112 -6.82 8.84 9.05
CA TRP B 112 -5.46 9.43 9.17
C TRP B 112 -5.41 10.82 8.53
N HIS B 113 -6.27 11.14 7.56
CA HIS B 113 -6.31 12.52 6.99
C HIS B 113 -7.71 12.88 6.50
N CYS B 114 -7.97 14.19 6.44
CA CYS B 114 -9.25 14.76 5.97
C CYS B 114 -8.99 16.14 5.39
N LYS B 115 -9.95 16.67 4.63
CA LYS B 115 -9.94 18.06 4.16
C LYS B 115 -10.11 18.96 5.38
N PRO B 116 -9.56 20.19 5.37
CA PRO B 116 -9.74 21.09 6.52
C PRO B 116 -11.21 21.32 6.93
N ASP B 117 -12.16 21.20 6.02
CA ASP B 117 -13.63 21.32 6.28
C ASP B 117 -14.14 20.08 7.06
N GLY B 118 -13.33 19.02 7.21
CA GLY B 118 -13.67 17.83 8.01
C GLY B 118 -14.06 16.62 7.17
N THR B 119 -14.06 16.75 5.83
CA THR B 119 -14.36 15.64 4.87
C THR B 119 -13.21 14.61 4.87
N ARG B 120 -13.49 13.39 5.27
CA ARG B 120 -12.48 12.29 5.24
C ARG B 120 -12.03 12.04 3.80
N LEU B 121 -10.72 11.85 3.63
CA LEU B 121 -10.04 11.57 2.33
C LEU B 121 -9.74 10.08 2.17
N SER B 122 -9.74 9.34 3.28
CA SER B 122 -9.58 7.86 3.34
C SER B 122 -9.86 7.39 4.75
N PRO B 123 -10.50 6.21 4.95
CA PRO B 123 -10.85 5.76 6.29
C PRO B 123 -9.73 5.12 7.13
N GLY B 124 -8.60 4.76 6.52
CA GLY B 124 -7.54 3.98 7.19
C GLY B 124 -6.83 4.78 8.28
N PRO B 125 -6.52 4.16 9.45
CA PRO B 125 -5.79 4.86 10.50
C PRO B 125 -4.26 4.81 10.34
N ALA B 126 -3.59 5.70 11.09
CA ALA B 126 -2.12 5.79 11.28
C ALA B 126 -1.80 5.63 12.76
N PRO B 127 -1.29 4.47 13.22
CA PRO B 127 -1.11 4.23 14.66
C PRO B 127 -0.34 5.28 15.48
N ASP B 128 0.54 6.10 14.86
CA ASP B 128 1.26 7.15 15.62
C ASP B 128 0.30 8.24 16.05
N GLY B 129 -0.74 8.51 15.24
CA GLY B 129 -1.91 9.32 15.66
C GLY B 129 -2.47 8.81 16.97
N GLU B 130 -3.01 7.59 16.95
CA GLU B 130 -3.77 6.97 18.08
C GLU B 130 -2.95 6.97 19.38
N GLU B 131 -1.67 6.59 19.33
CA GLU B 131 -0.85 6.43 20.56
C GLU B 131 -0.61 7.83 21.14
N PHE B 132 -0.44 8.85 20.31
CA PHE B 132 -0.28 10.26 20.76
C PHE B 132 -1.61 10.84 21.28
N PHE B 133 -2.75 10.57 20.61
CA PHE B 133 -4.07 10.99 21.15
C PHE B 133 -4.17 10.43 22.57
N ALA B 134 -3.88 9.14 22.75
CA ALA B 134 -4.07 8.43 24.05
C ALA B 134 -3.17 9.04 25.13
N MET B 135 -1.90 9.35 24.82
CA MET B 135 -0.96 9.89 25.83
C MET B 135 -1.36 11.32 26.19
N ALA B 136 -1.68 12.16 25.21
CA ALA B 136 -2.16 13.55 25.45
C ALA B 136 -3.47 13.55 26.27
N LEU B 137 -4.40 12.64 25.97
CA LEU B 137 -5.71 12.56 26.70
C LEU B 137 -5.48 12.08 28.13
N PHE B 138 -4.53 11.17 28.38
CA PHE B 138 -4.16 10.75 29.76
C PHE B 138 -3.55 11.94 30.51
N PHE B 139 -2.74 12.76 29.83
CA PHE B 139 -2.06 13.93 30.41
C PHE B 139 -3.10 15.03 30.72
N ALA B 140 -4.02 15.29 29.80
CA ALA B 140 -5.10 16.29 29.98
C ALA B 140 -5.93 15.94 31.22
N SER B 141 -6.25 14.66 31.39
CA SER B 141 -7.01 14.14 32.54
C SER B 141 -6.27 14.46 33.85
N ASN B 142 -4.96 14.24 33.87
CA ASN B 142 -4.15 14.39 35.10
C ASN B 142 -3.95 15.87 35.40
N ARG B 143 -3.76 16.70 34.38
CA ARG B 143 -3.46 18.14 34.56
C ARG B 143 -4.76 18.93 34.84
N TRP B 144 -5.88 18.59 34.20
CA TRP B 144 -7.12 19.41 34.20
C TRP B 144 -8.31 18.68 34.82
N GLY B 145 -8.40 17.37 34.63
CA GLY B 145 -9.52 16.57 35.15
C GLY B 145 -10.63 16.42 34.12
N ASP B 146 -11.34 15.30 34.19
CA ASP B 146 -12.37 14.89 33.21
C ASP B 146 -13.60 15.78 33.36
N GLY B 147 -14.11 16.27 32.22
CA GLY B 147 -15.42 16.90 32.10
C GLY B 147 -16.41 15.95 31.43
N PRO B 148 -17.56 16.45 30.94
CA PRO B 148 -18.51 15.59 30.23
C PRO B 148 -17.94 15.16 28.88
N ALA B 149 -18.42 14.04 28.35
CA ALA B 149 -18.05 13.59 26.98
C ALA B 149 -18.33 14.74 26.00
N PRO B 150 -17.47 15.00 24.99
CA PRO B 150 -16.27 14.19 24.74
C PRO B 150 -15.02 14.50 25.57
N TYR B 151 -15.10 15.39 26.56
CA TYR B 151 -13.92 15.86 27.34
C TYR B 151 -13.75 15.01 28.60
N ASP B 152 -14.28 13.79 28.63
CA ASP B 152 -13.95 12.80 29.69
C ASP B 152 -12.64 12.12 29.27
N TYR B 153 -11.54 12.87 29.40
CA TYR B 153 -10.22 12.60 28.78
C TYR B 153 -9.77 11.15 28.98
N GLN B 154 -9.89 10.65 30.21
CA GLN B 154 -9.36 9.33 30.62
C GLN B 154 -10.10 8.20 29.89
N ALA B 155 -11.44 8.23 29.88
CA ALA B 155 -12.31 7.23 29.21
C ALA B 155 -12.04 7.24 27.70
N GLN B 156 -11.80 8.43 27.14
CA GLN B 156 -11.47 8.62 25.70
C GLN B 156 -10.14 7.95 25.38
N ALA B 157 -9.14 8.15 26.23
CA ALA B 157 -7.79 7.55 26.08
C ALA B 157 -7.90 6.04 26.15
N ARG B 158 -8.68 5.52 27.10
CA ARG B 158 -8.80 4.07 27.36
C ARG B 158 -9.52 3.37 26.22
N LYS B 159 -10.51 4.04 25.65
CA LYS B 159 -11.37 3.55 24.53
C LYS B 159 -10.55 3.42 23.24
N ILE B 160 -9.61 4.35 23.02
CA ILE B 160 -8.64 4.29 21.89
C ILE B 160 -7.69 3.11 22.10
N LEU B 161 -7.10 2.95 23.29
CA LEU B 161 -6.08 1.90 23.53
C LEU B 161 -6.75 0.52 23.65
N HIS B 162 -8.03 0.47 24.00
CA HIS B 162 -8.84 -0.78 23.94
C HIS B 162 -8.87 -1.26 22.48
N ALA B 163 -9.29 -0.37 21.59
CA ALA B 163 -9.40 -0.61 20.14
C ALA B 163 -8.01 -1.01 19.59
N CYS B 164 -6.94 -0.37 20.06
CA CYS B 164 -5.58 -0.62 19.54
C CYS B 164 -5.16 -2.07 19.78
N LEU B 165 -5.67 -2.70 20.83
CA LEU B 165 -5.31 -4.10 21.20
C LEU B 165 -6.43 -5.09 20.86
N HIS B 166 -7.71 -4.68 20.82
CA HIS B 166 -8.83 -5.66 20.73
C HIS B 166 -9.69 -5.47 19.49
N GLN B 167 -9.33 -4.58 18.56
CA GLN B 167 -10.04 -4.45 17.25
C GLN B 167 -10.09 -5.83 16.58
N GLY B 168 -11.26 -6.24 16.14
CA GLY B 168 -11.43 -7.46 15.33
C GLY B 168 -11.65 -8.70 16.18
N GLU B 169 -11.71 -8.55 17.51
CA GLU B 169 -12.32 -9.57 18.41
C GLU B 169 -13.84 -9.53 18.24
N GLN B 170 -14.37 -8.37 17.85
CA GLN B 170 -15.82 -8.04 17.80
C GLN B 170 -16.26 -7.81 16.34
N GLY B 171 -15.47 -8.22 15.33
CA GLY B 171 -15.85 -7.96 13.93
C GLY B 171 -14.76 -8.22 12.91
N GLU B 172 -14.62 -7.30 11.95
CA GLU B 172 -13.85 -7.45 10.69
C GLU B 172 -12.42 -6.90 10.85
N GLY B 173 -12.15 -6.17 11.93
CA GLY B 173 -10.97 -5.29 12.02
C GLY B 173 -9.71 -6.02 12.45
N ASP B 174 -8.61 -5.28 12.61
CA ASP B 174 -7.31 -5.77 13.13
C ASP B 174 -6.76 -4.78 14.15
N PRO B 175 -6.01 -5.24 15.18
CA PRO B 175 -5.38 -4.34 16.13
C PRO B 175 -4.15 -3.66 15.50
N MET B 176 -3.60 -2.66 16.19
CA MET B 176 -2.43 -1.87 15.72
C MET B 176 -1.14 -2.38 16.36
N TRP B 177 -1.24 -3.38 17.23
CA TRP B 177 -0.07 -4.12 17.78
C TRP B 177 -0.14 -5.59 17.33
N GLU B 178 0.96 -6.15 16.86
CA GLU B 178 1.06 -7.59 16.57
C GLU B 178 1.13 -8.31 17.92
N PRO B 179 0.14 -9.14 18.30
CA PRO B 179 0.12 -9.75 19.64
C PRO B 179 1.31 -10.68 19.93
N SER B 180 1.85 -11.33 18.91
CA SER B 180 2.93 -12.33 19.05
C SER B 180 4.22 -11.66 19.57
N ASN B 181 4.57 -10.48 19.06
CA ASN B 181 5.88 -9.83 19.30
C ASN B 181 5.73 -8.50 20.05
N ARG B 182 4.49 -8.07 20.35
CA ARG B 182 4.15 -6.86 21.16
C ARG B 182 4.62 -5.58 20.45
N LEU B 183 4.72 -5.59 19.12
CA LEU B 183 5.26 -4.44 18.33
C LEU B 183 4.12 -3.75 17.57
N ILE B 184 4.15 -2.41 17.56
CA ILE B 184 3.19 -1.57 16.81
C ILE B 184 3.45 -1.72 15.31
N LYS B 185 2.37 -1.75 14.53
CA LYS B 185 2.41 -1.97 13.07
C LYS B 185 2.42 -0.61 12.35
N PHE B 186 2.76 -0.65 11.07
CA PHE B 186 2.72 0.53 10.18
C PHE B 186 1.25 0.90 9.95
N ILE B 187 0.44 -0.09 9.58
CA ILE B 187 -1.04 -0.01 9.57
C ILE B 187 -1.58 -1.34 10.10
N PRO B 188 -2.86 -1.43 10.52
CA PRO B 188 -3.36 -2.66 11.13
C PRO B 188 -3.22 -3.92 10.26
N GLU B 189 -3.30 -3.78 8.92
CA GLU B 189 -3.43 -4.91 7.97
C GLU B 189 -2.08 -5.46 7.50
N LEU B 190 -0.97 -4.73 7.67
CA LEU B 190 0.33 -5.09 7.02
C LEU B 190 1.36 -5.57 8.05
N PRO B 191 2.10 -6.66 7.73
CA PRO B 191 2.97 -7.34 8.69
C PRO B 191 4.38 -6.75 8.87
N PHE B 192 4.51 -5.43 8.94
CA PHE B 192 5.80 -4.75 9.21
C PHE B 192 5.56 -3.49 10.03
N SER B 193 6.63 -2.75 10.30
CA SER B 193 6.59 -1.63 11.26
C SER B 193 7.24 -0.38 10.67
N ASP B 194 7.18 0.68 11.47
CA ASP B 194 7.78 2.03 11.26
C ASP B 194 8.49 2.41 12.56
N PRO B 195 9.86 2.37 12.63
CA PRO B 195 10.59 2.56 13.90
C PRO B 195 10.26 3.83 14.70
N SER B 196 9.95 4.93 13.99
CA SER B 196 9.54 6.24 14.56
C SER B 196 8.17 6.19 15.25
N TYR B 197 7.39 5.12 15.07
CA TYR B 197 6.07 4.92 15.75
C TYR B 197 6.27 4.30 17.14
N HIS B 198 7.45 3.76 17.41
CA HIS B 198 7.78 3.02 18.65
C HIS B 198 8.10 4.01 19.77
N LEU B 199 7.30 3.99 20.83
CA LEU B 199 7.34 4.96 21.95
C LEU B 199 7.33 4.20 23.28
N PRO B 200 8.40 3.45 23.64
CA PRO B 200 8.41 2.69 24.89
C PRO B 200 8.05 3.54 26.12
N HIS B 201 8.52 4.78 26.14
CA HIS B 201 8.20 5.79 27.18
C HIS B 201 6.67 5.94 27.32
N PHE B 202 5.88 6.04 26.24
CA PHE B 202 4.39 6.18 26.36
C PHE B 202 3.76 4.85 26.81
N TYR B 203 4.30 3.70 26.38
CA TYR B 203 3.74 2.38 26.74
C TYR B 203 3.92 2.18 28.26
N GLU B 204 5.02 2.69 28.83
CA GLU B 204 5.29 2.62 30.30
C GLU B 204 4.13 3.25 31.06
N LEU B 205 3.64 4.39 30.56
CA LEU B 205 2.58 5.20 31.23
C LEU B 205 1.21 4.58 30.91
N PHE B 206 1.04 3.98 29.72
CA PHE B 206 -0.14 3.17 29.31
C PHE B 206 -0.31 1.99 30.27
N ALA B 207 0.82 1.44 30.72
CA ALA B 207 0.91 0.30 31.64
C ALA B 207 0.41 0.72 33.02
N GLN B 208 0.13 2.01 33.22
CA GLN B 208 -0.41 2.49 34.50
C GLN B 208 -1.80 3.10 34.34
N TYR B 209 -2.10 3.67 33.18
CA TYR B 209 -3.32 4.51 32.99
C TYR B 209 -4.39 3.79 32.16
N ALA B 210 -4.06 2.71 31.46
CA ALA B 210 -5.04 2.06 30.56
C ALA B 210 -5.91 1.10 31.36
N ASN B 211 -6.87 0.46 30.70
CA ASN B 211 -7.72 -0.59 31.33
C ASN B 211 -6.80 -1.63 32.00
N GLU B 212 -7.14 -2.06 33.22
CA GLU B 212 -6.34 -3.01 34.04
C GLU B 212 -5.95 -4.23 33.20
N GLN B 213 -6.90 -4.81 32.46
CA GLN B 213 -6.70 -6.07 31.71
C GLN B 213 -5.55 -5.93 30.70
N ASP B 214 -5.21 -4.71 30.25
CA ASP B 214 -4.19 -4.50 29.18
C ASP B 214 -2.83 -4.09 29.77
N ARG B 215 -2.73 -3.83 31.08
CA ARG B 215 -1.53 -3.17 31.66
C ARG B 215 -0.29 -4.06 31.56
N THR B 216 -0.42 -5.36 31.79
CA THR B 216 0.69 -6.35 31.59
C THR B 216 1.21 -6.25 30.16
N PHE B 217 0.32 -6.19 29.17
CA PHE B 217 0.69 -6.13 27.73
C PHE B 217 1.53 -4.87 27.45
N TRP B 218 1.08 -3.71 27.93
CA TRP B 218 1.76 -2.40 27.68
C TRP B 218 3.17 -2.41 28.26
N LYS B 219 3.37 -3.09 29.39
CA LYS B 219 4.69 -3.20 30.05
C LYS B 219 5.63 -3.98 29.13
N GLU B 220 5.15 -5.09 28.56
CA GLU B 220 5.93 -5.96 27.63
C GLU B 220 6.20 -5.21 26.32
N ALA B 221 5.23 -4.43 25.85
CA ALA B 221 5.34 -3.58 24.64
C ALA B 221 6.47 -2.55 24.81
N ALA B 222 6.58 -1.93 25.99
CA ALA B 222 7.64 -0.96 26.30
C ALA B 222 9.00 -1.66 26.20
N GLU B 223 9.13 -2.77 26.91
CA GLU B 223 10.34 -3.64 26.90
C GLU B 223 10.63 -4.06 25.44
N ALA B 224 9.59 -4.47 24.68
CA ALA B 224 9.73 -5.02 23.31
C ALA B 224 10.18 -3.92 22.34
N SER B 225 9.66 -2.70 22.46
CA SER B 225 9.99 -1.57 21.56
C SER B 225 11.45 -1.14 21.76
N ARG B 226 11.97 -1.21 22.99
CA ARG B 226 13.39 -0.86 23.27
C ARG B 226 14.28 -1.87 22.54
N ALA B 227 13.95 -3.17 22.62
CA ALA B 227 14.70 -4.23 21.93
C ALA B 227 14.63 -3.98 20.42
N TYR B 228 13.45 -3.60 19.93
CA TYR B 228 13.17 -3.44 18.48
C TYR B 228 14.07 -2.33 17.91
N LEU B 229 14.16 -1.21 18.62
CA LEU B 229 14.89 0.00 18.16
C LEU B 229 16.39 -0.31 18.12
N ARG B 230 16.84 -1.27 18.93
CA ARG B 230 18.25 -1.73 18.95
C ARG B 230 18.56 -2.50 17.66
N THR B 231 17.56 -3.16 17.06
CA THR B 231 17.70 -3.95 15.81
C THR B 231 17.37 -3.08 14.59
N ALA B 232 16.65 -1.97 14.77
CA ALA B 232 16.13 -1.12 13.67
C ALA B 232 17.14 -0.03 13.35
N CYS B 233 17.81 0.52 14.38
CA CYS B 233 18.82 1.59 14.22
C CYS B 233 20.16 0.97 13.81
N HIS B 234 20.78 1.59 12.81
CA HIS B 234 22.09 1.16 12.26
C HIS B 234 23.15 1.23 13.37
N PRO B 235 23.91 0.13 13.59
CA PRO B 235 24.85 0.06 14.70
C PRO B 235 26.07 1.00 14.53
N VAL B 236 26.35 1.47 13.32
CA VAL B 236 27.47 2.41 13.02
C VAL B 236 26.93 3.85 12.96
N THR B 237 26.08 4.14 11.99
CA THR B 237 25.61 5.51 11.62
C THR B 237 24.53 5.98 12.61
N GLY B 238 23.69 5.05 13.09
CA GLY B 238 22.58 5.31 14.04
C GLY B 238 21.28 5.67 13.31
N LEU B 239 21.29 5.65 11.99
CA LEU B 239 20.11 5.99 11.15
C LEU B 239 19.22 4.76 11.08
N SER B 240 17.91 4.95 11.10
CA SER B 240 16.90 3.89 10.95
C SER B 240 16.20 4.09 9.63
N PRO B 241 15.60 3.03 9.07
CA PRO B 241 14.78 3.17 7.87
C PRO B 241 13.40 3.71 8.27
N GLU B 242 12.68 4.26 7.30
CA GLU B 242 11.30 4.76 7.56
C GLU B 242 10.38 3.58 7.87
N TYR B 243 10.43 2.51 7.05
CA TYR B 243 9.70 1.25 7.31
C TYR B 243 10.72 0.15 7.52
N ALA B 244 10.52 -0.64 8.58
CA ALA B 244 11.33 -1.85 8.90
C ALA B 244 10.42 -3.05 9.14
N ASN B 245 11.00 -4.23 8.95
CA ASN B 245 10.37 -5.53 9.27
C ASN B 245 10.40 -5.72 10.78
N TYR B 246 9.74 -6.76 11.27
CA TYR B 246 9.65 -7.08 12.72
C TYR B 246 11.02 -7.50 13.28
N ASP B 247 11.98 -7.85 12.41
CA ASP B 247 13.35 -8.28 12.78
C ASP B 247 14.30 -7.07 12.75
N GLY B 248 13.85 -5.91 12.25
CA GLY B 248 14.59 -4.65 12.33
C GLY B 248 15.24 -4.25 11.03
N THR B 249 15.32 -5.17 10.06
CA THR B 249 15.85 -4.91 8.69
C THR B 249 14.90 -3.98 7.98
N PRO B 250 15.36 -3.16 7.02
CA PRO B 250 14.48 -2.29 6.23
C PRO B 250 13.42 -3.09 5.47
N ALA B 251 12.15 -2.65 5.50
CA ALA B 251 11.02 -3.36 4.85
C ALA B 251 11.09 -3.15 3.35
N PRO B 252 10.51 -4.08 2.55
CA PRO B 252 10.58 -4.02 1.08
C PRO B 252 10.02 -2.72 0.48
N VAL B 253 10.49 -2.35 -0.71
CA VAL B 253 9.95 -1.16 -1.44
C VAL B 253 8.43 -1.39 -1.60
N GLN B 254 7.64 -0.36 -1.29
CA GLN B 254 6.16 -0.43 -1.29
C GLN B 254 5.66 0.19 -2.59
N LEU B 255 4.39 0.02 -2.89
CA LEU B 255 3.77 0.58 -4.12
C LEU B 255 3.85 2.12 -4.06
N HIS B 256 3.75 2.71 -2.87
CA HIS B 256 3.71 4.19 -2.70
C HIS B 256 5.11 4.77 -2.51
N GLY B 257 6.18 3.95 -2.48
CA GLY B 257 7.56 4.46 -2.45
C GLY B 257 8.56 3.58 -1.71
N ASP B 258 9.83 4.00 -1.76
CA ASP B 258 11.02 3.30 -1.21
C ASP B 258 11.31 3.85 0.20
N PHE B 259 10.87 3.15 1.25
CA PHE B 259 10.97 3.67 2.65
C PHE B 259 12.09 2.95 3.41
N ARG B 260 13.11 2.47 2.69
CA ARG B 260 14.26 1.72 3.27
C ARG B 260 15.36 2.67 3.73
N HIS B 261 15.21 3.97 3.50
CA HIS B 261 16.29 4.95 3.72
C HIS B 261 15.96 5.88 4.90
N PHE B 262 16.92 6.75 5.23
CA PHE B 262 16.78 7.72 6.33
C PHE B 262 16.15 9.00 5.77
N TYR B 263 14.88 9.22 6.12
CA TYR B 263 14.07 10.34 5.60
C TYR B 263 13.02 10.73 6.65
N SER B 264 12.22 11.76 6.33
CA SER B 264 11.18 12.42 7.16
C SER B 264 10.75 11.63 8.41
N ASP B 265 10.12 10.43 8.21
CA ASP B 265 9.55 9.57 9.27
C ASP B 265 10.60 9.19 10.33
N ALA B 266 11.77 8.73 9.87
CA ALA B 266 12.87 8.12 10.69
C ALA B 266 13.55 9.14 11.61
N TYR B 267 13.39 10.44 11.34
CA TYR B 267 13.99 11.53 12.15
C TYR B 267 13.48 11.49 13.59
N ARG B 268 12.21 11.13 13.79
CA ARG B 268 11.55 11.15 15.12
C ARG B 268 12.21 10.10 16.03
N VAL B 269 12.87 9.08 15.47
CA VAL B 269 13.51 7.99 16.28
C VAL B 269 14.49 8.60 17.29
N ALA B 270 15.44 9.42 16.83
CA ALA B 270 16.51 10.01 17.69
C ALA B 270 15.89 10.73 18.88
N ALA B 271 14.81 11.46 18.64
CA ALA B 271 14.06 12.22 19.66
C ALA B 271 13.31 11.26 20.58
N ASN B 272 12.66 10.23 20.00
CA ASN B 272 11.87 9.22 20.76
C ASN B 272 12.80 8.55 21.78
N VAL B 273 13.98 8.13 21.32
CA VAL B 273 15.00 7.41 22.13
C VAL B 273 15.48 8.34 23.27
N ALA B 274 15.81 9.59 22.93
CA ALA B 274 16.32 10.63 23.84
C ALA B 274 15.32 10.85 24.98
N LEU B 275 14.02 10.96 24.68
CA LEU B 275 12.99 11.26 25.71
C LEU B 275 12.74 10.02 26.58
N ASP B 276 12.80 8.82 26.03
CA ASP B 276 12.61 7.61 26.85
C ASP B 276 13.74 7.56 27.90
N TRP B 277 14.96 7.90 27.47
CA TRP B 277 16.14 7.93 28.37
C TRP B 277 15.94 8.99 29.45
N GLU B 278 15.57 10.21 29.06
CA GLU B 278 15.30 11.34 29.98
C GLU B 278 14.25 10.93 31.04
N TRP B 279 13.21 10.18 30.65
CA TRP B 279 12.08 9.84 31.57
C TRP B 279 12.38 8.61 32.42
N PHE B 280 12.97 7.55 31.84
CA PHE B 280 13.00 6.20 32.49
C PHE B 280 14.41 5.67 32.77
N ARG B 281 15.47 6.24 32.16
CA ARG B 281 16.89 5.77 32.22
C ARG B 281 17.00 4.24 32.22
N LYS B 282 16.31 3.54 31.33
CA LYS B 282 16.21 2.05 31.40
C LYS B 282 17.23 1.37 30.47
N ASP B 283 17.61 1.98 29.35
CA ASP B 283 18.49 1.31 28.36
C ASP B 283 19.72 2.15 28.05
N PRO B 284 20.93 1.77 28.53
CA PRO B 284 22.12 2.59 28.29
C PRO B 284 22.55 2.62 26.82
N TRP B 285 22.09 1.66 26.01
CA TRP B 285 22.29 1.66 24.54
C TRP B 285 21.83 3.02 23.98
N GLN B 286 20.77 3.57 24.59
CA GLN B 286 20.07 4.80 24.14
C GLN B 286 21.04 5.97 24.07
N VAL B 287 22.01 5.99 24.98
CA VAL B 287 23.11 7.01 25.05
C VAL B 287 24.00 6.87 23.82
N GLN B 288 24.41 5.64 23.51
CA GLN B 288 25.38 5.37 22.40
C GLN B 288 24.65 5.63 21.08
N GLN B 289 23.37 5.25 21.00
CA GLN B 289 22.46 5.52 19.85
C GLN B 289 22.40 7.03 19.57
N SER B 290 22.15 7.82 20.61
CA SER B 290 22.20 9.30 20.55
C SER B 290 23.60 9.77 20.15
N ASN B 291 24.66 9.22 20.73
CA ASN B 291 26.06 9.60 20.38
C ASN B 291 26.31 9.36 18.89
N ARG B 292 25.81 8.24 18.36
CA ARG B 292 26.08 7.80 16.95
C ARG B 292 25.45 8.76 15.94
N ILE B 293 24.18 9.15 16.15
CA ILE B 293 23.45 9.99 15.16
C ILE B 293 24.03 11.41 15.19
N GLN B 294 24.39 11.93 16.37
CA GLN B 294 25.04 13.26 16.51
C GLN B 294 26.44 13.21 15.87
N ALA B 295 27.18 12.12 16.09
CA ALA B 295 28.49 11.89 15.45
C ALA B 295 28.32 11.91 13.93
N PHE B 296 27.25 11.30 13.41
CA PHE B 296 27.00 11.18 11.94
C PHE B 296 26.77 12.56 11.30
N PHE B 297 26.16 13.49 12.03
CA PHE B 297 25.66 14.78 11.48
C PHE B 297 26.51 15.98 11.94
N SER B 298 27.56 15.77 12.74
CA SER B 298 28.44 16.84 13.28
C SER B 298 29.10 17.65 12.16
N ASP B 299 29.56 16.96 11.12
CA ASP B 299 30.33 17.50 9.96
C ASP B 299 29.43 18.12 8.89
N ILE B 300 28.10 17.98 9.00
CA ILE B 300 27.14 18.24 7.87
C ILE B 300 26.28 19.45 8.21
N ASP B 301 26.18 20.39 7.27
CA ASP B 301 25.39 21.63 7.44
C ASP B 301 23.92 21.27 7.22
N VAL B 302 23.01 21.99 7.87
CA VAL B 302 21.54 21.73 7.78
C VAL B 302 21.12 21.84 6.30
N SER B 303 21.68 22.81 5.59
CA SER B 303 21.32 23.10 4.17
C SER B 303 21.93 22.04 3.23
N ASP B 304 22.81 21.17 3.73
CA ASP B 304 23.41 20.09 2.91
C ASP B 304 22.74 18.75 3.23
N TYR B 305 21.83 18.70 4.21
CA TYR B 305 21.12 17.46 4.59
C TYR B 305 20.48 16.83 3.35
N ARG B 306 20.51 15.50 3.29
CA ARG B 306 20.02 14.68 2.14
C ARG B 306 19.18 13.52 2.66
N ARG B 307 18.65 12.74 1.73
CA ARG B 307 18.30 11.32 1.99
C ARG B 307 19.61 10.54 2.12
N TYR B 308 19.68 9.59 3.04
CA TYR B 308 20.86 8.70 3.18
C TYR B 308 20.37 7.27 3.20
N THR B 309 21.17 6.33 2.73
CA THR B 309 20.99 4.90 3.08
C THR B 309 21.20 4.83 4.60
N ILE B 310 20.80 3.75 5.26
CA ILE B 310 21.01 3.61 6.72
C ILE B 310 22.50 3.32 6.98
N GLU B 311 23.29 3.03 5.93
CA GLU B 311 24.77 2.82 6.07
C GLU B 311 25.52 4.13 5.78
N GLY B 312 24.80 5.24 5.66
CA GLY B 312 25.37 6.60 5.62
C GLY B 312 25.62 7.09 4.21
N GLU B 313 25.31 6.29 3.19
CA GLU B 313 25.51 6.70 1.78
C GLU B 313 24.52 7.81 1.48
N PRO B 314 24.98 9.02 1.10
CA PRO B 314 24.07 10.11 0.76
C PRO B 314 23.51 10.04 -0.67
N PHE B 315 22.25 10.41 -0.86
CA PHE B 315 21.58 10.55 -2.19
C PHE B 315 21.82 11.97 -2.70
N ASN B 316 21.57 12.21 -3.99
CA ASN B 316 21.60 13.57 -4.59
C ASN B 316 20.48 14.43 -4.01
N GLU B 317 19.34 13.79 -3.70
CA GLU B 317 18.08 14.42 -3.24
C GLU B 317 18.29 15.11 -1.90
N PRO B 318 17.91 16.40 -1.74
CA PRO B 318 18.00 17.08 -0.44
C PRO B 318 16.86 16.60 0.47
N ALA B 319 17.09 16.60 1.78
CA ALA B 319 16.02 16.36 2.78
C ALA B 319 14.89 17.37 2.52
N LEU B 320 13.65 16.91 2.59
CA LEU B 320 12.42 17.70 2.36
C LEU B 320 12.18 18.58 3.59
N HIS B 321 12.55 18.09 4.76
CA HIS B 321 12.34 18.75 6.08
C HIS B 321 13.67 18.83 6.82
N PRO B 322 14.63 19.68 6.38
CA PRO B 322 15.94 19.78 7.03
C PRO B 322 15.98 20.40 8.43
N VAL B 323 15.02 21.27 8.76
CA VAL B 323 14.92 21.88 10.11
C VAL B 323 14.32 20.83 11.06
N GLY B 324 13.41 19.98 10.57
CA GLY B 324 12.91 18.82 11.32
C GLY B 324 14.04 17.91 11.76
N LEU B 325 14.99 17.64 10.85
CA LEU B 325 16.14 16.76 11.11
C LEU B 325 17.11 17.42 12.11
N LEU B 326 17.42 18.70 11.96
CA LEU B 326 18.28 19.38 12.96
C LEU B 326 17.60 19.31 14.33
N ALA B 327 16.30 19.60 14.38
CA ALA B 327 15.49 19.56 15.61
C ALA B 327 15.65 18.19 16.31
N THR B 328 15.47 17.10 15.59
CA THR B 328 15.53 15.73 16.18
C THR B 328 16.96 15.39 16.61
N ASN B 329 17.98 15.87 15.88
CA ASN B 329 19.41 15.67 16.24
C ASN B 329 19.74 16.41 17.54
N ALA B 330 19.23 17.62 17.69
CA ALA B 330 19.44 18.42 18.90
C ALA B 330 18.69 17.79 20.06
N MET B 331 17.54 17.16 19.80
CA MET B 331 16.72 16.52 20.87
C MET B 331 17.48 15.32 21.46
N ALA B 332 18.26 14.63 20.64
CA ALA B 332 19.07 13.49 21.10
C ALA B 332 20.11 13.92 22.15
N SER B 333 20.27 15.24 22.41
CA SER B 333 21.17 15.76 23.47
C SER B 333 20.65 15.40 24.85
N LEU B 334 19.38 15.04 24.96
CA LEU B 334 18.83 14.53 26.24
C LEU B 334 19.59 13.25 26.63
N ALA B 335 20.05 12.40 25.69
CA ALA B 335 20.75 11.13 26.00
C ALA B 335 22.26 11.21 25.74
N ALA B 336 22.69 11.86 24.66
CA ALA B 336 24.10 11.89 24.20
C ALA B 336 24.97 12.53 25.28
N ASP B 337 26.18 12.01 25.47
CA ASP B 337 27.17 12.61 26.41
C ASP B 337 28.51 12.70 25.68
N GLY B 338 28.48 12.70 24.35
CA GLY B 338 29.68 12.80 23.50
C GLY B 338 30.02 14.25 23.25
N PRO B 339 30.95 14.55 22.31
CA PRO B 339 31.50 15.90 22.14
C PRO B 339 30.65 16.81 21.23
N ASP B 340 29.47 16.37 20.81
CA ASP B 340 28.64 17.11 19.81
C ASP B 340 27.34 17.61 20.45
N ALA B 341 27.07 17.28 21.71
CA ALA B 341 25.76 17.49 22.37
C ALA B 341 25.46 18.98 22.54
N ASP B 342 26.40 19.77 23.04
CA ASP B 342 26.15 21.21 23.30
C ASP B 342 26.16 21.95 21.96
N SER B 343 26.93 21.48 20.99
CA SER B 343 27.01 22.12 19.65
C SER B 343 25.63 22.11 19.01
N PHE B 344 24.94 20.98 19.07
CA PHE B 344 23.58 20.81 18.48
C PHE B 344 22.57 21.70 19.22
N VAL B 345 22.72 21.83 20.54
CA VAL B 345 21.82 22.66 21.39
C VAL B 345 21.97 24.12 20.97
N LYS B 346 23.21 24.58 20.72
CA LYS B 346 23.48 25.97 20.27
C LYS B 346 22.96 26.15 18.85
N ARG B 347 23.24 25.19 17.97
CA ARG B 347 22.81 25.22 16.55
C ARG B 347 21.29 25.38 16.50
N PHE B 348 20.58 24.57 17.30
CA PHE B 348 19.10 24.55 17.37
C PHE B 348 18.62 25.94 17.79
N TRP B 349 19.27 26.53 18.79
CA TRP B 349 18.83 27.80 19.41
C TRP B 349 18.90 28.95 18.38
N ASN B 350 19.82 28.86 17.43
CA ASN B 350 20.05 29.92 16.40
C ASN B 350 19.35 29.59 15.09
N THR B 351 18.52 28.54 15.11
CA THR B 351 17.62 28.14 13.99
C THR B 351 16.24 28.73 14.28
N PRO B 352 15.68 29.55 13.37
CA PRO B 352 14.31 30.02 13.53
C PRO B 352 13.31 28.95 13.05
N LEU B 353 12.03 29.20 13.31
CA LEU B 353 10.91 28.43 12.68
C LEU B 353 11.02 28.53 11.16
N ARG B 354 10.72 27.43 10.49
CA ARG B 354 10.54 27.39 9.03
C ARG B 354 9.26 28.15 8.66
N GLN B 355 9.29 28.82 7.51
CA GLN B 355 8.12 29.53 6.91
C GLN B 355 7.81 28.91 5.55
N GLY B 356 6.64 29.24 5.00
CA GLY B 356 6.23 28.86 3.64
C GLY B 356 5.57 27.50 3.61
N LYS B 357 5.47 26.94 2.42
CA LYS B 357 4.57 25.80 2.08
C LYS B 357 5.00 24.52 2.79
N ARG B 358 6.30 24.26 2.99
CA ARG B 358 6.79 22.96 3.50
C ARG B 358 6.97 22.96 5.03
N ARG B 359 6.42 23.95 5.74
CA ARG B 359 6.86 24.31 7.10
C ARG B 359 6.32 23.36 8.19
N TYR B 360 5.22 22.65 7.92
CA TYR B 360 4.40 21.99 8.96
C TYR B 360 5.25 21.04 9.81
N TYR B 361 5.86 20.04 9.18
CA TYR B 361 6.56 18.91 9.85
C TYR B 361 7.83 19.40 10.56
N ASP B 362 8.53 20.32 9.91
CA ASP B 362 9.73 20.97 10.47
C ASP B 362 9.33 21.62 11.80
N ASN B 363 8.21 22.35 11.80
CA ASN B 363 7.80 23.23 12.91
C ASN B 363 7.21 22.41 14.05
N CYS B 364 6.60 21.27 13.78
CA CYS B 364 6.10 20.36 14.87
C CYS B 364 7.31 19.78 15.61
N LEU B 365 8.22 19.16 14.87
CA LEU B 365 9.48 18.56 15.40
C LEU B 365 10.29 19.62 16.15
N TYR B 366 10.43 20.79 15.55
CA TYR B 366 11.08 21.98 16.16
C TYR B 366 10.50 22.18 17.55
N PHE B 367 9.18 22.28 17.66
CA PHE B 367 8.49 22.63 18.93
C PHE B 367 8.75 21.56 20.01
N PHE B 368 8.66 20.27 19.69
CA PHE B 368 8.87 19.17 20.69
C PHE B 368 10.31 19.21 21.20
N THR B 369 11.24 19.63 20.36
CA THR B 369 12.67 19.82 20.73
C THR B 369 12.79 21.02 21.66
N MET B 370 12.10 22.13 21.35
CA MET B 370 12.11 23.37 22.18
C MET B 370 11.55 23.03 23.58
N LEU B 371 10.43 22.30 23.66
CA LEU B 371 9.86 21.76 24.93
C LEU B 371 10.91 20.95 25.69
N ALA B 372 11.42 19.89 25.06
CA ALA B 372 12.32 18.91 25.70
C ALA B 372 13.65 19.56 26.13
N LEU B 373 14.24 20.42 25.28
CA LEU B 373 15.56 21.05 25.56
C LEU B 373 15.42 22.14 26.63
N SER B 374 14.22 22.67 26.89
CA SER B 374 13.99 23.63 28.00
C SER B 374 13.58 22.89 29.28
N GLY B 375 13.31 21.59 29.19
CA GLY B 375 12.94 20.75 30.35
C GLY B 375 11.46 20.79 30.61
N ASN B 376 10.66 20.79 29.54
CA ASN B 376 9.22 21.15 29.62
C ASN B 376 8.35 20.09 28.92
N TYR B 377 8.97 19.01 28.43
CA TYR B 377 8.28 17.81 27.89
C TYR B 377 8.28 16.81 29.04
N ARG B 378 7.20 16.79 29.80
CA ARG B 378 7.13 16.16 31.14
C ARG B 378 6.01 15.13 31.20
N VAL B 379 6.13 14.21 32.15
CA VAL B 379 5.07 13.25 32.56
C VAL B 379 4.15 13.96 33.56
N TYR B 380 2.85 13.99 33.28
CA TYR B 380 1.81 14.57 34.16
C TYR B 380 1.05 13.41 34.82
N GLN B 381 1.22 13.27 36.13
CA GLN B 381 0.80 12.08 36.91
C GLN B 381 -0.46 12.37 37.72
N GLN B 382 -0.99 11.30 38.33
CA GLN B 382 -2.09 11.23 39.35
C GLN B 382 -3.39 10.74 38.69
C1 EDO C . -0.91 -5.81 -12.05
O1 EDO C . -1.58 -6.10 -13.29
C2 EDO C . 0.50 -6.26 -12.07
O2 EDO C . 1.33 -5.37 -12.86
C1 EDO D . -0.05 -1.47 -16.26
O1 EDO D . 1.03 -2.08 -17.02
C2 EDO D . -1.40 -2.18 -16.33
O2 EDO D . -1.64 -3.10 -15.25
C1 EDO E . 1.79 9.14 9.27
O1 EDO E . 3.02 9.68 9.75
C2 EDO E . 0.81 10.22 8.96
O2 EDO E . 1.37 11.29 8.21
C1 EDO F . 6.67 13.17 6.57
O1 EDO F . 6.06 12.54 7.68
C2 EDO F . 5.89 14.28 5.99
O2 EDO F . 5.53 14.09 4.63
#